data_6QLW
#
_entry.id   6QLW
#
_cell.length_a   75.727
_cell.length_b   69.484
_cell.length_c   78.680
_cell.angle_alpha   90.000
_cell.angle_beta   100.890
_cell.angle_gamma   90.000
#
_symmetry.space_group_name_H-M   'P 1 21 1'
#
loop_
_entity.id
_entity.type
_entity.pdbx_description
1 polymer 'Cathepsin K'
2 non-polymer ~{N}-[(2~{S})-1-[(3~{R},3~{a}~{R},6~{R},6~{a}~{S})-6-chloranyl-3-oxidanyl-2,3,3~{a},5,6,6~{a}-hexahydrofuro[3,2-b]pyrrol-4-yl]-4-methyl-1-oxidanylidene-pentan-2-yl]-4-[5-fluoranyl-2-(4-methylpiperazin-1-yl)-1,3-thiazol-4-yl]benzamide
3 non-polymer 'CHLORIDE ION'
4 non-polymer 'SODIUM ION'
5 water water
#
_entity_poly.entity_id   1
_entity_poly.type   'polypeptide(L)'
_entity_poly.pdbx_seq_one_letter_code
;RAPDSVDYRKKGYVTPVKNQGQCGSCWAFSSVGALEGQLKKKTGKLLNLSPQNLVDCVSENDGCGGGYMTNAFQYVQKNR
GIDSEDAYPYVGQEESCMYNPTGKAAKCRGYREIPEGNEKALKRAVARVGPVSVAIDASLTSFQFYSKGVYYDESCNSDN
LNHAVLAVGYGIQKGNKHWIIKNSWGENWGNKGYILMARNKNNACGIANLASFPKM
;
_entity_poly.pdbx_strand_id   A,B,C,D
#
loop_
_chem_comp.id
_chem_comp.type
_chem_comp.name
_chem_comp.formula
CL non-polymer 'CHLORIDE ION' 'Cl -1'
J5T non-polymer ~{N}-[(2~{S})-1-[(3~{R},3~{a}~{R},6~{R},6~{a}~{S})-6-chloranyl-3-oxidanyl-2,3,3~{a},5,6,6~{a}-hexahydrofuro[3,2-b]pyrrol-4-yl]-4-methyl-1-oxidanylidene-pentan-2-yl]-4-[5-fluoranyl-2-(4-methylpiperazin-1-yl)-1,3-thiazol-4-yl]benzamide 'C27 H35 Cl F N5 O4 S'
NA non-polymer 'SODIUM ION' 'Na 1'
#
# COMPACT_ATOMS: atom_id res chain seq x y z
N ARG A 1 15.20 33.08 1.02
CA ARG A 1 14.07 32.28 0.44
C ARG A 1 14.13 30.84 0.98
N ALA A 2 12.99 30.34 1.44
CA ALA A 2 12.92 29.07 2.16
C ALA A 2 13.23 27.92 1.21
N PRO A 3 13.78 26.80 1.71
CA PRO A 3 14.13 25.70 0.81
C PRO A 3 12.87 25.09 0.16
N ASP A 4 13.05 24.54 -1.03
CA ASP A 4 11.99 23.86 -1.75
C ASP A 4 11.61 22.56 -1.04
N SER A 5 12.59 21.95 -0.38
CA SER A 5 12.37 20.70 0.32
C SER A 5 13.32 20.60 1.52
N VAL A 6 12.85 19.87 2.52
CA VAL A 6 13.53 19.65 3.78
C VAL A 6 13.20 18.25 4.26
N ASP A 7 14.21 17.51 4.75
CA ASP A 7 13.99 16.21 5.31
C ASP A 7 14.92 16.04 6.51
N TYR A 8 14.37 16.28 7.71
CA TYR A 8 15.15 16.17 8.95
C TYR A 8 15.65 14.76 9.25
N ARG A 9 15.05 13.73 8.64
CA ARG A 9 15.56 12.38 8.81
C ARG A 9 16.98 12.28 8.26
N LYS A 10 17.29 13.00 7.19
CA LYS A 10 18.64 12.96 6.60
C LYS A 10 19.66 13.68 7.49
N LYS A 11 19.19 14.58 8.36
CA LYS A 11 20.06 15.37 9.21
C LYS A 11 20.28 14.73 10.58
N GLY A 12 19.70 13.55 10.83
CA GLY A 12 19.81 12.87 12.10
C GLY A 12 19.00 13.54 13.22
N TYR A 13 17.91 14.25 12.89
CA TYR A 13 17.13 14.97 13.90
C TYR A 13 15.92 14.15 14.37
N VAL A 14 15.74 12.96 13.78
CA VAL A 14 14.52 12.19 14.02
C VAL A 14 14.84 10.80 14.56
N THR A 15 14.22 10.47 15.70
CA THR A 15 14.40 9.16 16.30
C THR A 15 13.62 8.08 15.54
N PRO A 16 13.87 6.78 15.83
CA PRO A 16 13.06 5.74 15.22
C PRO A 16 11.56 5.87 15.52
N VAL A 17 10.76 5.27 14.64
CA VAL A 17 9.31 5.27 14.75
C VAL A 17 8.92 4.43 15.97
N LYS A 18 8.01 5.00 16.77
CA LYS A 18 7.51 4.36 17.95
C LYS A 18 6.11 3.82 17.68
N ASN A 19 5.59 3.04 18.65
CA ASN A 19 4.23 2.57 18.62
C ASN A 19 3.53 2.93 19.93
N GLN A 20 2.52 3.80 19.84
CA GLN A 20 1.82 4.28 21.04
C GLN A 20 0.91 3.19 21.61
N GLY A 21 0.69 2.10 20.88
CA GLY A 21 -0.21 1.04 21.30
C GLY A 21 -1.66 1.51 21.44
N GLN A 22 -2.35 1.03 22.48
CA GLN A 22 -3.78 1.24 22.62
C GLN A 22 -4.04 2.32 23.65
N CYS A 23 -3.24 3.37 23.66
CA CYS A 23 -3.41 4.48 24.60
C CYS A 23 -3.66 5.72 23.73
N GLY A 24 -4.46 6.69 24.20
CA GLY A 24 -4.64 7.92 23.47
C GLY A 24 -3.51 8.92 23.74
N SER A 25 -2.27 8.52 23.43
CA SER A 25 -1.07 9.25 23.77
C SER A 25 -0.38 9.85 22.56
N CYS A 26 -1.09 9.95 21.42
CA CYS A 26 -0.56 10.54 20.19
C CYS A 26 0.07 11.91 20.50
N TRP A 27 -0.63 12.69 21.33
CA TRP A 27 -0.20 14.02 21.72
C TRP A 27 1.16 14.02 22.41
N ALA A 28 1.42 12.98 23.23
CA ALA A 28 2.69 12.84 23.89
C ALA A 28 3.79 12.44 22.91
N PHE A 29 3.50 11.56 21.96
CA PHE A 29 4.53 11.18 20.94
C PHE A 29 4.86 12.36 20.05
N SER A 30 3.84 13.14 19.67
CA SER A 30 4.05 14.32 18.84
C SER A 30 4.95 15.33 19.56
N SER A 31 4.64 15.58 20.85
CA SER A 31 5.37 16.51 21.67
C SER A 31 6.86 16.09 21.79
N VAL A 32 7.10 14.84 22.12
CA VAL A 32 8.47 14.36 22.34
C VAL A 32 9.26 14.38 21.03
N GLY A 33 8.60 14.13 19.91
CA GLY A 33 9.27 14.21 18.61
C GLY A 33 9.78 15.63 18.31
N ALA A 34 8.97 16.64 18.61
CA ALA A 34 9.37 18.03 18.44
C ALA A 34 10.52 18.36 19.39
N LEU A 35 10.41 17.91 20.65
CA LEU A 35 11.48 18.15 21.62
C LEU A 35 12.78 17.45 21.18
N GLU A 36 12.69 16.21 20.73
CA GLU A 36 13.83 15.46 20.24
C GLU A 36 14.54 16.25 19.14
N GLY A 37 13.80 16.84 18.20
CA GLY A 37 14.39 17.60 17.12
C GLY A 37 15.14 18.82 17.63
N GLN A 38 14.55 19.58 18.57
CA GLN A 38 15.24 20.73 19.12
C GLN A 38 16.48 20.32 19.93
N LEU A 39 16.40 19.21 20.69
CA LEU A 39 17.56 18.77 21.46
C LEU A 39 18.73 18.44 20.52
N LYS A 40 18.45 17.77 19.41
CA LYS A 40 19.49 17.41 18.50
C LYS A 40 20.14 18.68 17.95
N LYS A 41 19.28 19.60 17.50
CA LYS A 41 19.70 20.84 16.92
C LYS A 41 20.60 21.61 17.89
N LYS A 42 20.14 21.72 19.15
CA LYS A 42 20.83 22.53 20.12
C LYS A 42 22.10 21.85 20.65
N THR A 43 22.10 20.55 20.90
CA THR A 43 23.19 19.89 21.62
C THR A 43 23.96 18.86 20.79
N GLY A 44 23.49 18.51 19.60
CA GLY A 44 24.21 17.53 18.77
C GLY A 44 23.88 16.09 19.13
N LYS A 45 23.04 15.88 20.16
CA LYS A 45 22.74 14.52 20.60
C LYS A 45 21.30 14.15 20.22
N LEU A 46 21.16 13.00 19.56
CA LEU A 46 19.85 12.43 19.29
C LEU A 46 19.52 11.36 20.35
N LEU A 47 18.45 11.59 21.12
CA LEU A 47 18.05 10.59 22.11
C LEU A 47 16.53 10.54 22.22
N ASN A 48 16.03 9.38 22.62
CA ASN A 48 14.60 9.15 22.77
C ASN A 48 14.16 9.80 24.10
N LEU A 49 13.16 10.66 24.04
CA LEU A 49 12.56 11.29 25.23
C LEU A 49 11.29 10.52 25.62
N SER A 50 10.73 10.85 26.77
CA SER A 50 9.74 9.99 27.41
C SER A 50 8.32 10.48 27.21
N PRO A 51 7.55 9.84 26.30
CA PRO A 51 6.13 10.08 26.23
C PRO A 51 5.35 9.68 27.49
N GLN A 52 5.82 8.66 28.21
CA GLN A 52 5.16 8.21 29.42
C GLN A 52 5.19 9.30 30.51
N ASN A 53 6.32 9.99 30.60
CA ASN A 53 6.50 11.10 31.51
C ASN A 53 5.36 12.10 31.30
N LEU A 54 5.07 12.40 30.02
CA LEU A 54 4.01 13.32 29.67
C LEU A 54 2.63 12.74 30.03
N VAL A 55 2.38 11.50 29.61
CA VAL A 55 1.08 10.87 29.85
C VAL A 55 0.76 10.91 31.34
N ASP A 56 1.73 10.54 32.20
CA ASP A 56 1.51 10.40 33.60
C ASP A 56 1.43 11.74 34.32
N CYS A 57 2.11 12.78 33.83
CA CYS A 57 2.39 13.98 34.59
C CYS A 57 1.71 15.26 34.09
N VAL A 58 1.24 15.32 32.84
CA VAL A 58 0.62 16.53 32.34
C VAL A 58 -0.83 16.54 32.82
N SER A 59 -1.05 17.07 34.00
CA SER A 59 -2.36 16.95 34.66
C SER A 59 -3.48 17.76 33.96
N GLU A 60 -3.14 18.74 33.13
CA GLU A 60 -4.15 19.51 32.33
C GLU A 60 -4.66 18.69 31.13
N ASN A 61 -3.89 17.68 30.71
CA ASN A 61 -4.31 16.69 29.71
C ASN A 61 -5.06 15.53 30.39
N ASP A 62 -5.48 14.55 29.60
CA ASP A 62 -6.28 13.41 30.09
C ASP A 62 -5.58 12.07 29.87
N GLY A 63 -4.27 12.07 29.96
CA GLY A 63 -3.49 10.87 29.84
C GLY A 63 -3.82 10.10 28.57
N CYS A 64 -4.24 8.83 28.74
CA CYS A 64 -4.58 7.99 27.60
C CYS A 64 -5.93 8.40 27.01
N GLY A 65 -6.65 9.30 27.67
CA GLY A 65 -7.90 9.88 27.14
C GLY A 65 -7.66 10.99 26.12
N GLY A 66 -6.40 11.39 25.86
CA GLY A 66 -6.09 12.43 24.94
C GLY A 66 -5.56 13.68 25.62
N GLY A 67 -5.01 14.57 24.78
CA GLY A 67 -4.32 15.74 25.25
C GLY A 67 -3.94 16.69 24.13
N TYR A 68 -3.32 17.80 24.52
CA TYR A 68 -2.82 18.81 23.67
C TYR A 68 -1.31 18.92 23.82
N MET A 69 -0.63 19.11 22.69
CA MET A 69 0.83 19.31 22.68
C MET A 69 1.21 20.58 23.44
N THR A 70 0.43 21.64 23.32
CA THR A 70 0.75 22.90 24.01
C THR A 70 0.84 22.67 25.52
N ASN A 71 -0.08 21.85 26.06
CA ASN A 71 -0.11 21.59 27.46
C ASN A 71 1.16 20.84 27.87
N ALA A 72 1.62 19.95 26.99
CA ALA A 72 2.81 19.16 27.21
C ALA A 72 4.04 20.04 27.27
N PHE A 73 4.20 20.94 26.32
CA PHE A 73 5.35 21.85 26.32
C PHE A 73 5.35 22.71 27.59
N GLN A 74 4.17 23.21 27.98
CA GLN A 74 4.04 24.01 29.21
C GLN A 74 4.48 23.20 30.45
N TYR A 75 4.04 21.95 30.54
CA TYR A 75 4.46 21.09 31.65
C TYR A 75 6.01 20.95 31.68
N VAL A 76 6.63 20.65 30.54
CA VAL A 76 8.08 20.39 30.51
C VAL A 76 8.79 21.67 31.02
N GLN A 77 8.27 22.84 30.62
CA GLN A 77 8.81 24.10 31.05
C GLN A 77 8.67 24.24 32.57
N LYS A 78 7.46 24.09 33.09
CA LYS A 78 7.21 24.30 34.52
C LYS A 78 7.92 23.23 35.36
N ASN A 79 8.02 22.01 34.86
CA ASN A 79 8.69 20.92 35.54
C ASN A 79 10.22 21.07 35.56
N ARG A 80 10.74 21.95 34.72
CA ARG A 80 12.18 22.15 34.51
C ARG A 80 12.85 20.91 33.91
N GLY A 81 12.07 20.07 33.21
CA GLY A 81 12.71 19.02 32.38
C GLY A 81 11.73 17.92 31.97
N ILE A 82 12.22 17.10 31.04
CA ILE A 82 11.57 15.87 30.64
C ILE A 82 12.62 14.76 30.68
N ASP A 83 12.19 13.57 31.10
CA ASP A 83 13.08 12.46 31.16
C ASP A 83 13.35 11.86 29.77
N SER A 84 14.46 11.12 29.70
CA SER A 84 14.71 10.26 28.60
C SER A 84 13.71 9.09 28.68
N GLU A 85 13.51 8.41 27.53
CA GLU A 85 12.72 7.16 27.50
C GLU A 85 13.33 6.14 28.47
N ASP A 86 14.66 6.04 28.50
CA ASP A 86 15.34 5.05 29.33
C ASP A 86 15.02 5.30 30.83
N ALA A 87 14.97 6.56 31.25
CA ALA A 87 14.68 6.89 32.62
C ALA A 87 13.19 6.74 32.99
N TYR A 88 12.27 6.82 32.00
CA TYR A 88 10.84 6.81 32.24
C TYR A 88 10.17 6.06 31.09
N PRO A 89 10.22 4.71 31.08
CA PRO A 89 9.87 3.94 29.88
C PRO A 89 8.37 3.86 29.58
N TYR A 90 8.03 3.65 28.32
CA TYR A 90 6.66 3.71 27.86
C TYR A 90 5.92 2.42 28.26
N VAL A 91 4.76 2.60 28.89
CA VAL A 91 3.94 1.50 29.37
C VAL A 91 2.63 1.38 28.58
N GLY A 92 2.07 2.49 28.10
CA GLY A 92 0.86 2.45 27.27
C GLY A 92 -0.42 2.41 28.08
N GLN A 93 -0.30 2.77 29.36
CA GLN A 93 -1.41 2.95 30.29
CA GLN A 93 -1.45 3.03 30.23
C GLN A 93 -1.00 4.13 31.18
N GLU A 94 -1.95 4.92 31.66
CA GLU A 94 -1.65 6.01 32.60
C GLU A 94 -1.32 5.42 33.98
N GLU A 95 -0.23 5.91 34.57
CA GLU A 95 0.19 5.56 35.92
C GLU A 95 0.44 6.87 36.67
N SER A 96 0.77 6.78 37.95
CA SER A 96 1.06 7.97 38.72
C SER A 96 2.39 8.63 38.25
N CYS A 97 2.43 9.95 38.32
CA CYS A 97 3.57 10.70 37.85
C CYS A 97 4.79 10.40 38.72
N MET A 98 5.86 9.88 38.12
CA MET A 98 7.07 9.56 38.86
C MET A 98 8.30 10.08 38.11
N TYR A 99 8.29 11.39 37.89
CA TYR A 99 9.41 12.04 37.20
C TYR A 99 10.70 11.86 38.01
N ASN A 100 11.79 11.54 37.30
CA ASN A 100 13.10 11.42 37.91
C ASN A 100 14.10 12.46 37.35
N PRO A 101 14.45 13.48 38.13
CA PRO A 101 15.37 14.52 37.65
C PRO A 101 16.72 13.98 37.18
N THR A 102 17.18 12.87 37.73
CA THR A 102 18.45 12.29 37.34
C THR A 102 18.42 11.84 35.88
N GLY A 103 17.23 11.47 35.38
CA GLY A 103 17.05 11.09 34.00
C GLY A 103 16.67 12.23 33.05
N LYS A 104 16.72 13.47 33.53
CA LYS A 104 16.41 14.62 32.71
C LYS A 104 17.30 14.61 31.45
N ALA A 105 16.67 14.73 30.28
CA ALA A 105 17.39 14.70 29.01
C ALA A 105 17.15 15.93 28.14
N ALA A 106 16.14 16.75 28.50
CA ALA A 106 15.85 17.93 27.74
C ALA A 106 15.06 18.91 28.61
N LYS A 107 15.10 20.16 28.16
CA LYS A 107 14.38 21.23 28.76
C LYS A 107 13.57 21.97 27.68
N CYS A 108 12.62 22.77 28.18
CA CYS A 108 11.80 23.55 27.31
C CYS A 108 11.63 24.93 27.94
N ARG A 109 11.70 25.98 27.12
CA ARG A 109 11.51 27.32 27.70
C ARG A 109 10.34 28.04 27.06
N GLY A 110 9.35 27.27 26.62
CA GLY A 110 8.12 27.80 26.07
C GLY A 110 7.78 27.13 24.74
N TYR A 111 6.84 27.69 24.00
CA TYR A 111 6.43 27.11 22.74
C TYR A 111 5.83 28.22 21.89
N ARG A 112 5.69 27.92 20.61
CA ARG A 112 5.06 28.82 19.68
C ARG A 112 4.05 28.05 18.84
N GLU A 113 3.02 28.76 18.40
CA GLU A 113 1.93 28.18 17.60
C GLU A 113 2.03 28.78 16.20
N ILE A 114 1.96 27.90 15.19
CA ILE A 114 1.92 28.29 13.80
C ILE A 114 0.59 28.99 13.54
N PRO A 115 0.55 30.11 12.80
CA PRO A 115 -0.72 30.73 12.43
C PRO A 115 -1.72 29.75 11.80
N GLU A 116 -2.94 29.77 12.34
CA GLU A 116 -3.94 28.75 12.10
C GLU A 116 -4.26 28.64 10.61
N GLY A 117 -4.08 27.43 10.09
CA GLY A 117 -4.43 27.09 8.72
C GLY A 117 -3.41 27.51 7.68
N ASN A 118 -2.30 28.11 8.08
CA ASN A 118 -1.39 28.65 7.13
C ASN A 118 -0.27 27.66 6.83
N GLU A 119 -0.35 27.03 5.65
CA GLU A 119 0.65 26.02 5.25
C GLU A 119 1.99 26.65 4.88
N LYS A 120 1.97 27.90 4.46
CA LYS A 120 3.22 28.58 4.13
C LYS A 120 4.02 28.87 5.42
N ALA A 121 3.31 29.30 6.47
CA ALA A 121 3.91 29.52 7.77
C ALA A 121 4.43 28.21 8.33
N LEU A 122 3.67 27.13 8.18
CA LEU A 122 4.08 25.84 8.64
C LEU A 122 5.35 25.39 7.89
N LYS A 123 5.40 25.62 6.59
CA LYS A 123 6.59 25.27 5.77
C LYS A 123 7.83 26.01 6.30
N ARG A 124 7.68 27.32 6.51
CA ARG A 124 8.77 28.15 6.98
C ARG A 124 9.19 27.75 8.38
N ALA A 125 8.24 27.35 9.25
CA ALA A 125 8.59 26.89 10.58
C ALA A 125 9.38 25.57 10.49
N VAL A 126 8.92 24.64 9.66
CA VAL A 126 9.64 23.38 9.51
C VAL A 126 11.08 23.69 9.05
N ALA A 127 11.23 24.59 8.09
CA ALA A 127 12.55 24.96 7.56
C ALA A 127 13.43 25.65 8.62
N ARG A 128 12.84 26.57 9.39
CA ARG A 128 13.59 27.48 10.23
C ARG A 128 13.87 26.87 11.58
N VAL A 129 12.99 25.99 12.05
CA VAL A 129 13.06 25.48 13.39
C VAL A 129 13.48 24.03 13.45
N GLY A 130 12.85 23.18 12.66
CA GLY A 130 13.02 21.73 12.80
C GLY A 130 11.67 21.05 12.79
N PRO A 131 11.59 19.77 13.20
CA PRO A 131 10.30 19.09 13.22
C PRO A 131 9.24 19.83 14.05
N VAL A 132 8.01 19.86 13.53
CA VAL A 132 6.89 20.56 14.14
C VAL A 132 5.80 19.57 14.51
N SER A 133 5.22 19.74 15.69
CA SER A 133 4.04 18.98 16.11
C SER A 133 2.83 19.47 15.35
N VAL A 134 2.03 18.55 14.80
CA VAL A 134 0.83 18.93 14.06
C VAL A 134 -0.31 17.98 14.43
N ALA A 135 -1.53 18.46 14.26
CA ALA A 135 -2.74 17.67 14.44
C ALA A 135 -3.45 17.51 13.09
N ILE A 136 -4.07 16.35 12.89
CA ILE A 136 -4.74 16.01 11.67
C ILE A 136 -6.01 15.18 11.93
N ASP A 137 -6.84 15.08 10.88
CA ASP A 137 -7.87 14.05 10.79
C ASP A 137 -7.25 12.78 10.19
N ALA A 138 -7.03 11.77 11.04
CA ALA A 138 -6.50 10.49 10.61
C ALA A 138 -7.56 9.38 10.67
N SER A 139 -8.84 9.74 10.64
CA SER A 139 -9.93 8.78 10.90
C SER A 139 -10.32 7.93 9.65
N LEU A 140 -9.95 8.35 8.42
CA LEU A 140 -10.41 7.68 7.22
C LEU A 140 -9.73 6.33 7.03
N THR A 141 -10.46 5.38 6.43
CA THR A 141 -9.87 4.08 6.13
C THR A 141 -8.73 4.24 5.13
N SER A 142 -8.87 5.20 4.21
CA SER A 142 -7.78 5.47 3.23
C SER A 142 -6.47 5.83 3.95
N PHE A 143 -6.58 6.57 5.06
CA PHE A 143 -5.42 6.95 5.86
C PHE A 143 -4.81 5.69 6.49
N GLN A 144 -5.68 4.91 7.13
CA GLN A 144 -5.27 3.67 7.77
C GLN A 144 -4.54 2.72 6.81
N PHE A 145 -4.96 2.70 5.55
CA PHE A 145 -4.41 1.76 4.58
C PHE A 145 -3.29 2.37 3.76
N TYR A 146 -2.84 3.57 4.10
CA TYR A 146 -1.81 4.25 3.34
C TYR A 146 -0.59 3.34 3.17
N SER A 147 -0.01 3.32 1.98
CA SER A 147 1.23 2.59 1.77
C SER A 147 2.31 3.42 1.04
N LYS A 148 1.94 4.25 0.06
CA LYS A 148 2.91 5.05 -0.67
C LYS A 148 2.24 6.17 -1.47
N GLY A 149 3.05 7.08 -2.01
CA GLY A 149 2.50 8.21 -2.74
C GLY A 149 2.13 9.32 -1.79
N VAL A 150 1.42 10.31 -2.32
CA VAL A 150 1.06 11.46 -1.56
C VAL A 150 -0.41 11.33 -1.21
N TYR A 151 -0.68 11.22 0.08
CA TYR A 151 -2.01 11.02 0.56
C TYR A 151 -2.86 12.28 0.42
N TYR A 152 -4.01 12.10 -0.25
CA TYR A 152 -5.05 13.11 -0.34
C TYR A 152 -6.40 12.41 -0.40
N ASP A 153 -7.34 12.84 0.45
CA ASP A 153 -8.71 12.30 0.43
C ASP A 153 -9.67 13.46 0.73
N GLU A 154 -10.62 13.66 -0.18
CA GLU A 154 -11.57 14.76 -0.12
C GLU A 154 -12.50 14.65 1.09
N SER A 155 -12.63 13.44 1.65
CA SER A 155 -13.47 13.19 2.83
C SER A 155 -12.78 13.57 4.13
N CYS A 156 -11.50 13.98 4.06
CA CYS A 156 -10.80 14.41 5.24
C CYS A 156 -11.50 15.67 5.80
N ASN A 157 -11.55 15.79 7.12
CA ASN A 157 -12.29 16.86 7.74
C ASN A 157 -11.34 17.67 8.63
N SER A 158 -10.96 18.86 8.15
CA SER A 158 -9.98 19.70 8.85
C SER A 158 -10.56 20.32 10.15
N ASP A 159 -11.87 20.23 10.35
CA ASP A 159 -12.51 20.64 11.59
C ASP A 159 -12.70 19.48 12.56
N ASN A 160 -12.13 18.32 12.28
CA ASN A 160 -12.28 17.14 13.11
C ASN A 160 -10.88 16.58 13.31
N LEU A 161 -10.08 17.32 14.07
CA LEU A 161 -8.72 16.95 14.35
C LEU A 161 -8.77 15.85 15.42
N ASN A 162 -8.09 14.73 15.17
CA ASN A 162 -8.23 13.58 16.04
C ASN A 162 -6.92 12.76 16.17
N HIS A 163 -5.80 13.33 15.79
CA HIS A 163 -4.54 12.62 15.84
C HIS A 163 -3.42 13.66 15.83
N ALA A 164 -2.36 13.39 16.55
CA ALA A 164 -1.22 14.27 16.67
C ALA A 164 -0.02 13.51 16.14
N VAL A 165 0.73 14.15 15.25
CA VAL A 165 1.85 13.53 14.58
C VAL A 165 2.96 14.56 14.45
N LEU A 166 3.99 14.27 13.65
CA LEU A 166 5.15 15.12 13.57
C LEU A 166 5.53 15.38 12.12
N ALA A 167 5.61 16.67 11.75
CA ALA A 167 6.06 17.05 10.44
C ALA A 167 7.60 17.17 10.45
N VAL A 168 8.27 16.26 9.77
CA VAL A 168 9.71 16.19 9.81
C VAL A 168 10.31 16.72 8.54
N GLY A 169 9.47 17.25 7.65
CA GLY A 169 9.98 17.74 6.38
C GLY A 169 8.86 18.01 5.41
N TYR A 170 9.25 18.35 4.18
CA TYR A 170 8.35 18.66 3.12
C TYR A 170 9.07 18.59 1.79
N GLY A 171 8.31 18.47 0.71
CA GLY A 171 8.92 18.32 -0.60
C GLY A 171 7.90 18.10 -1.70
N ILE A 172 8.33 17.40 -2.75
CA ILE A 172 7.48 17.09 -3.85
C ILE A 172 7.83 15.69 -4.37
N GLN A 173 6.80 14.91 -4.68
CA GLN A 173 6.97 13.59 -5.25
C GLN A 173 6.08 13.47 -6.48
N LYS A 174 6.71 13.22 -7.64
CA LYS A 174 6.01 13.05 -8.93
C LYS A 174 4.98 14.15 -9.14
N GLY A 175 5.38 15.41 -8.96
CA GLY A 175 4.49 16.52 -9.19
C GLY A 175 3.57 16.86 -8.01
N ASN A 176 3.58 16.06 -6.95
CA ASN A 176 2.66 16.28 -5.85
C ASN A 176 3.43 16.80 -4.63
N LYS A 177 3.12 18.03 -4.23
CA LYS A 177 3.75 18.61 -3.05
C LYS A 177 3.26 17.92 -1.78
N HIS A 178 4.16 17.76 -0.82
CA HIS A 178 3.82 17.00 0.36
C HIS A 178 4.51 17.48 1.66
N TRP A 179 3.97 16.97 2.77
CA TRP A 179 4.52 17.00 4.09
C TRP A 179 5.03 15.62 4.42
N ILE A 180 6.20 15.52 5.04
CA ILE A 180 6.76 14.24 5.48
C ILE A 180 6.35 14.06 6.92
N ILE A 181 5.44 13.11 7.17
CA ILE A 181 4.84 12.91 8.47
C ILE A 181 5.32 11.62 9.11
N LYS A 182 5.86 11.77 10.32
CA LYS A 182 6.20 10.63 11.17
C LYS A 182 4.99 10.29 12.04
N ASN A 183 4.46 9.07 11.91
CA ASN A 183 3.35 8.60 12.70
C ASN A 183 3.92 7.83 13.90
N SER A 184 3.05 7.43 14.85
CA SER A 184 3.41 6.69 16.06
C SER A 184 2.59 5.39 16.13
N TRP A 185 2.40 4.73 14.99
CA TRP A 185 1.69 3.46 14.93
C TRP A 185 2.65 2.31 14.54
N GLY A 186 3.95 2.48 14.82
CA GLY A 186 4.94 1.45 14.56
C GLY A 186 5.42 1.46 13.10
N GLU A 187 6.48 0.70 12.88
CA GLU A 187 7.18 0.64 11.60
C GLU A 187 6.40 -0.11 10.55
N ASN A 188 5.46 -0.96 10.98
CA ASN A 188 4.70 -1.73 10.05
C ASN A 188 3.57 -0.94 9.38
N TRP A 189 3.16 0.20 9.95
CA TRP A 189 2.16 1.01 9.35
C TRP A 189 2.75 1.94 8.28
N GLY A 190 1.97 2.22 7.24
CA GLY A 190 2.34 3.18 6.24
C GLY A 190 3.58 2.80 5.47
N ASN A 191 4.46 3.78 5.24
CA ASN A 191 5.73 3.55 4.61
C ASN A 191 6.81 3.61 5.69
N LYS A 192 7.09 2.46 6.29
CA LYS A 192 7.96 2.30 7.43
C LYS A 192 7.63 3.26 8.56
N GLY A 193 6.34 3.50 8.82
CA GLY A 193 5.94 4.39 9.92
C GLY A 193 5.66 5.82 9.51
N TYR A 194 5.94 6.13 8.25
CA TYR A 194 5.72 7.47 7.70
C TYR A 194 4.60 7.55 6.68
N ILE A 195 4.10 8.77 6.46
CA ILE A 195 3.18 9.04 5.39
C ILE A 195 3.55 10.39 4.78
N LEU A 196 3.48 10.47 3.44
CA LEU A 196 3.53 11.75 2.76
C LEU A 196 2.09 12.25 2.61
N MET A 197 1.84 13.44 3.15
CA MET A 197 0.49 14.02 3.12
C MET A 197 0.47 15.27 2.23
N ALA A 198 -0.60 15.44 1.46
CA ALA A 198 -0.69 16.52 0.48
C ALA A 198 -0.47 17.90 1.12
N ARG A 199 0.35 18.71 0.43
CA ARG A 199 0.71 20.03 0.90
C ARG A 199 0.17 21.05 -0.12
N ASN A 200 -0.31 22.19 0.38
CA ASN A 200 -0.86 23.26 -0.41
C ASN A 200 -2.07 22.79 -1.24
N LYS A 201 -2.86 21.87 -0.68
CA LYS A 201 -4.13 21.49 -1.24
C LYS A 201 -5.20 21.90 -0.23
N ASN A 202 -5.24 23.19 0.06
CA ASN A 202 -6.22 23.80 0.94
CA ASN A 202 -6.22 23.80 0.95
C ASN A 202 -6.19 23.15 2.33
N ASN A 203 -5.00 23.04 2.92
CA ASN A 203 -4.87 22.60 4.33
C ASN A 203 -5.52 21.22 4.51
N ALA A 204 -5.17 20.29 3.60
CA ALA A 204 -5.74 18.94 3.59
C ALA A 204 -5.54 18.27 4.97
N CYS A 205 -6.63 17.70 5.49
CA CYS A 205 -6.70 17.02 6.77
C CYS A 205 -6.36 17.94 7.96
N GLY A 206 -6.38 19.26 7.76
CA GLY A 206 -6.22 20.24 8.83
C GLY A 206 -4.81 20.34 9.37
N ILE A 207 -3.82 19.92 8.56
CA ILE A 207 -2.42 19.82 8.90
C ILE A 207 -1.86 21.07 9.57
N ALA A 208 -2.31 22.26 9.18
CA ALA A 208 -1.78 23.48 9.73
C ALA A 208 -2.76 24.14 10.70
N ASN A 209 -3.74 23.40 11.20
CA ASN A 209 -4.76 24.00 12.08
C ASN A 209 -4.35 24.07 13.55
N LEU A 210 -3.46 23.20 13.99
CA LEU A 210 -3.07 23.20 15.41
C LEU A 210 -1.62 22.73 15.52
N ALA A 211 -0.72 23.50 14.89
CA ALA A 211 0.68 23.14 14.84
C ALA A 211 1.46 23.99 15.84
N SER A 212 2.44 23.36 16.47
CA SER A 212 3.28 24.03 17.44
C SER A 212 4.61 23.34 17.57
N PHE A 213 5.54 24.08 18.19
CA PHE A 213 6.87 23.61 18.50
C PHE A 213 7.39 24.24 19.79
N PRO A 214 8.28 23.51 20.48
CA PRO A 214 8.91 23.98 21.71
C PRO A 214 10.11 24.91 21.44
N LYS A 215 10.34 25.84 22.37
CA LYS A 215 11.56 26.64 22.41
C LYS A 215 12.54 25.94 23.36
N MET A 216 13.81 25.91 22.99
CA MET A 216 14.84 25.29 23.82
C MET A 216 16.08 26.20 23.91
N ARG B 1 34.10 -4.99 7.61
CA ARG B 1 34.67 -4.79 6.25
C ARG B 1 33.53 -4.27 5.35
N ALA B 2 32.71 -5.19 4.83
CA ALA B 2 31.48 -4.79 4.15
C ALA B 2 30.50 -4.24 5.19
N PRO B 3 29.65 -3.27 4.82
CA PRO B 3 28.59 -2.82 5.71
C PRO B 3 27.59 -3.93 6.03
N ASP B 4 26.83 -3.74 7.11
CA ASP B 4 25.80 -4.68 7.54
C ASP B 4 24.65 -4.73 6.52
N SER B 5 24.38 -3.58 5.89
CA SER B 5 23.36 -3.50 4.87
C SER B 5 23.72 -2.47 3.80
N VAL B 6 23.25 -2.74 2.58
CA VAL B 6 23.50 -1.93 1.42
C VAL B 6 22.25 -1.95 0.56
N ASP B 7 21.85 -0.78 0.03
CA ASP B 7 20.71 -0.71 -0.87
C ASP B 7 21.01 0.31 -1.97
N TYR B 8 21.40 -0.20 -3.15
CA TYR B 8 21.76 0.65 -4.28
C TYR B 8 20.59 1.46 -4.84
N ARG B 9 19.35 1.09 -4.53
CA ARG B 9 18.22 1.89 -4.95
C ARG B 9 18.29 3.28 -4.32
N LYS B 10 18.80 3.37 -3.09
CA LYS B 10 18.91 4.65 -2.40
C LYS B 10 20.02 5.52 -2.97
N LYS B 11 20.99 4.90 -3.65
CA LYS B 11 22.13 5.65 -4.20
C LYS B 11 21.90 6.10 -5.65
N GLY B 12 20.70 5.82 -6.21
CA GLY B 12 20.39 6.16 -7.59
C GLY B 12 21.13 5.31 -8.62
N TYR B 13 21.49 4.08 -8.26
CA TYR B 13 22.23 3.17 -9.17
C TYR B 13 21.30 2.22 -9.90
N VAL B 14 19.99 2.28 -9.59
CA VAL B 14 19.04 1.29 -10.07
C VAL B 14 17.89 1.95 -10.85
N THR B 15 17.72 1.51 -12.10
CA THR B 15 16.63 2.00 -12.94
C THR B 15 15.28 1.41 -12.52
N PRO B 16 14.16 1.93 -13.08
CA PRO B 16 12.86 1.29 -12.82
C PRO B 16 12.79 -0.18 -13.26
N VAL B 17 11.88 -0.90 -12.63
CA VAL B 17 11.67 -2.31 -12.91
C VAL B 17 11.05 -2.44 -14.30
N LYS B 18 11.58 -3.39 -15.07
CA LYS B 18 11.12 -3.64 -16.42
C LYS B 18 10.27 -4.90 -16.46
N ASN B 19 9.62 -5.14 -17.60
CA ASN B 19 8.82 -6.35 -17.83
C ASN B 19 9.31 -7.05 -19.10
N GLN B 20 9.86 -8.26 -18.95
CA GLN B 20 10.43 -9.00 -20.05
C GLN B 20 9.33 -9.60 -20.95
N GLY B 21 8.08 -9.65 -20.45
CA GLY B 21 6.99 -10.27 -21.23
C GLY B 21 7.22 -11.76 -21.49
N GLN B 22 6.86 -12.24 -22.67
CA GLN B 22 6.82 -13.66 -22.98
C GLN B 22 8.11 -14.10 -23.73
N CYS B 23 9.25 -13.51 -23.40
CA CYS B 23 10.52 -13.84 -24.09
C CYS B 23 11.43 -14.41 -23.00
N GLY B 24 12.29 -15.39 -23.32
CA GLY B 24 13.24 -15.89 -22.33
C GLY B 24 14.49 -14.99 -22.25
N SER B 25 14.28 -13.71 -21.97
CA SER B 25 15.30 -12.68 -21.97
C SER B 25 15.70 -12.22 -20.55
N CYS B 26 15.39 -13.02 -19.51
CA CYS B 26 15.78 -12.69 -18.13
C CYS B 26 17.28 -12.35 -18.05
N TRP B 27 18.09 -13.12 -18.78
CA TRP B 27 19.51 -12.96 -18.80
C TRP B 27 19.93 -11.57 -19.29
N ALA B 28 19.20 -11.04 -20.27
CA ALA B 28 19.45 -9.73 -20.83
C ALA B 28 19.05 -8.66 -19.84
N PHE B 29 17.94 -8.84 -19.11
CA PHE B 29 17.55 -7.83 -18.12
C PHE B 29 18.52 -7.81 -16.93
N SER B 30 18.97 -9.00 -16.52
CA SER B 30 19.95 -9.10 -15.44
C SER B 30 21.26 -8.38 -15.83
N SER B 31 21.72 -8.63 -17.06
CA SER B 31 22.94 -8.08 -17.57
C SER B 31 22.87 -6.54 -17.62
N VAL B 32 21.81 -6.01 -18.19
CA VAL B 32 21.69 -4.57 -18.35
CA VAL B 32 21.64 -4.58 -18.34
C VAL B 32 21.57 -3.89 -16.98
N GLY B 33 20.91 -4.55 -16.02
CA GLY B 33 20.83 -4.03 -14.65
C GLY B 33 22.20 -3.86 -14.00
N ALA B 34 23.08 -4.86 -14.17
CA ALA B 34 24.42 -4.78 -13.65
C ALA B 34 25.20 -3.67 -14.36
N LEU B 35 25.08 -3.60 -15.69
CA LEU B 35 25.77 -2.57 -16.44
C LEU B 35 25.26 -1.18 -16.04
N GLU B 36 23.95 -1.01 -15.90
CA GLU B 36 23.37 0.26 -15.47
C GLU B 36 24.01 0.71 -14.15
N GLY B 37 24.20 -0.20 -13.20
CA GLY B 37 24.84 0.16 -11.93
C GLY B 37 26.26 0.67 -12.11
N GLN B 38 27.05 -0.03 -12.92
CA GLN B 38 28.44 0.40 -13.18
C GLN B 38 28.47 1.72 -13.96
N LEU B 39 27.57 1.92 -14.92
CA LEU B 39 27.53 3.15 -15.69
C LEU B 39 27.28 4.35 -14.75
N LYS B 40 26.35 4.19 -13.81
CA LYS B 40 26.06 5.27 -12.90
C LYS B 40 27.31 5.60 -12.08
N LYS B 41 27.92 4.54 -11.54
CA LYS B 41 29.07 4.65 -10.68
C LYS B 41 30.20 5.35 -11.44
N LYS B 42 30.45 4.93 -12.67
CA LYS B 42 31.54 5.45 -13.48
C LYS B 42 31.28 6.86 -14.00
N THR B 43 30.09 7.15 -14.51
CA THR B 43 29.84 8.40 -15.27
C THR B 43 28.86 9.35 -14.60
N GLY B 44 28.20 8.93 -13.51
CA GLY B 44 27.28 9.82 -12.81
C GLY B 44 25.88 9.84 -13.43
N LYS B 45 25.70 9.14 -14.55
CA LYS B 45 24.41 9.15 -15.24
C LYS B 45 23.68 7.81 -15.07
N LEU B 46 22.43 7.87 -14.65
CA LEU B 46 21.54 6.69 -14.65
C LEU B 46 20.69 6.69 -15.93
N LEU B 47 20.84 5.66 -16.74
CA LEU B 47 20.17 5.54 -18.04
C LEU B 47 19.70 4.08 -18.20
N ASN B 48 18.59 3.87 -18.87
CA ASN B 48 18.13 2.53 -19.23
C ASN B 48 18.93 2.05 -20.44
N LEU B 49 19.55 0.88 -20.32
CA LEU B 49 20.29 0.24 -21.43
C LEU B 49 19.37 -0.77 -22.13
N SER B 50 19.81 -1.27 -23.28
CA SER B 50 18.96 -2.01 -24.16
C SER B 50 19.09 -3.52 -24.03
N PRO B 51 18.13 -4.18 -23.36
CA PRO B 51 18.05 -5.64 -23.37
C PRO B 51 17.85 -6.21 -24.78
N GLN B 52 17.14 -5.49 -25.65
CA GLN B 52 16.88 -6.00 -26.99
C GLN B 52 18.16 -6.12 -27.81
N ASN B 53 19.06 -5.15 -27.64
CA ASN B 53 20.37 -5.16 -28.23
C ASN B 53 21.07 -6.50 -27.92
N LEU B 54 20.98 -6.91 -26.65
CA LEU B 54 21.59 -8.16 -26.20
C LEU B 54 20.87 -9.36 -26.83
N VAL B 55 19.54 -9.37 -26.74
CA VAL B 55 18.75 -10.47 -27.26
C VAL B 55 19.10 -10.70 -28.75
N ASP B 56 19.14 -9.60 -29.53
CA ASP B 56 19.31 -9.70 -30.96
C ASP B 56 20.76 -10.00 -31.37
N CYS B 57 21.74 -9.58 -30.58
CA CYS B 57 23.15 -9.47 -31.05
C CYS B 57 24.14 -10.41 -30.34
N VAL B 58 23.80 -10.95 -29.16
CA VAL B 58 24.70 -11.86 -28.47
C VAL B 58 24.58 -13.23 -29.11
N SER B 59 25.43 -13.51 -30.11
CA SER B 59 25.20 -14.68 -30.94
C SER B 59 25.46 -16.01 -30.22
N GLU B 60 26.26 -16.00 -29.14
CA GLU B 60 26.55 -17.21 -28.35
C GLU B 60 25.40 -17.56 -27.42
N ASN B 61 24.50 -16.60 -27.14
CA ASN B 61 23.23 -16.86 -26.46
C ASN B 61 22.13 -17.27 -27.45
N ASP B 62 20.94 -17.58 -26.92
CA ASP B 62 19.83 -18.09 -27.76
C ASP B 62 18.63 -17.13 -27.76
N GLY B 63 18.90 -15.84 -27.65
CA GLY B 63 17.85 -14.85 -27.73
C GLY B 63 16.77 -15.10 -26.69
N CYS B 64 15.52 -15.21 -27.16
CA CYS B 64 14.37 -15.46 -26.31
C CYS B 64 14.36 -16.92 -25.83
N GLY B 65 15.25 -17.77 -26.35
CA GLY B 65 15.44 -19.11 -25.85
C GLY B 65 16.28 -19.20 -24.57
N GLY B 66 16.86 -18.09 -24.13
CA GLY B 66 17.72 -18.11 -22.94
C GLY B 66 19.16 -17.80 -23.27
N GLY B 67 19.91 -17.55 -22.21
CA GLY B 67 21.27 -17.06 -22.33
C GLY B 67 21.99 -16.97 -21.00
N TYR B 68 23.27 -16.59 -21.10
CA TYR B 68 24.10 -16.36 -19.95
C TYR B 68 24.49 -14.88 -19.90
N MET B 69 24.51 -14.34 -18.68
CA MET B 69 24.97 -12.97 -18.47
C MET B 69 26.45 -12.83 -18.88
N THR B 70 27.27 -13.83 -18.62
CA THR B 70 28.68 -13.73 -18.99
C THR B 70 28.85 -13.47 -20.49
N ASN B 71 28.03 -14.11 -21.31
CA ASN B 71 28.11 -13.95 -22.74
C ASN B 71 27.74 -12.51 -23.10
N ALA B 72 26.76 -11.96 -22.39
CA ALA B 72 26.30 -10.60 -22.60
C ALA B 72 27.39 -9.59 -22.29
N PHE B 73 28.08 -9.75 -21.16
CA PHE B 73 29.14 -8.82 -20.80
C PHE B 73 30.25 -8.90 -21.84
N GLN B 74 30.62 -10.11 -22.24
CA GLN B 74 31.68 -10.28 -23.25
C GLN B 74 31.30 -9.62 -24.57
N TYR B 75 30.02 -9.76 -25.00
CA TYR B 75 29.58 -9.09 -26.24
C TYR B 75 29.78 -7.59 -26.11
N VAL B 76 29.31 -6.98 -25.01
CA VAL B 76 29.37 -5.53 -24.88
C VAL B 76 30.83 -5.09 -24.99
N GLN B 77 31.73 -5.86 -24.34
CA GLN B 77 33.14 -5.56 -24.36
C GLN B 77 33.66 -5.61 -25.79
N LYS B 78 33.44 -6.74 -26.49
CA LYS B 78 34.02 -6.91 -27.79
C LYS B 78 33.38 -5.98 -28.82
N ASN B 79 32.09 -5.70 -28.66
CA ASN B 79 31.33 -4.81 -29.55
C ASN B 79 31.74 -3.34 -29.39
N ARG B 80 32.44 -3.03 -28.30
CA ARG B 80 32.82 -1.68 -27.89
C ARG B 80 31.57 -0.86 -27.55
N GLY B 81 30.47 -1.51 -27.17
CA GLY B 81 29.31 -0.75 -26.70
C GLY B 81 28.01 -1.53 -26.60
N ILE B 82 27.07 -0.93 -25.86
CA ILE B 82 25.67 -1.32 -25.81
C ILE B 82 24.81 -0.07 -26.01
N ASP B 83 23.69 -0.20 -26.72
CA ASP B 83 22.80 0.94 -26.97
C ASP B 83 21.93 1.24 -25.75
N SER B 84 21.42 2.47 -25.71
CA SER B 84 20.40 2.82 -24.72
C SER B 84 19.09 2.14 -25.10
N GLU B 85 18.18 2.00 -24.14
CA GLU B 85 16.82 1.49 -24.41
C GLU B 85 16.14 2.41 -25.43
N ASP B 86 16.30 3.73 -25.28
CA ASP B 86 15.62 4.68 -26.17
C ASP B 86 16.09 4.48 -27.61
N ALA B 87 17.39 4.21 -27.82
CA ALA B 87 17.92 4.00 -29.17
C ALA B 87 17.53 2.64 -29.77
N TYR B 88 17.33 1.60 -28.94
CA TYR B 88 17.12 0.21 -29.39
C TYR B 88 16.07 -0.40 -28.45
N PRO B 89 14.78 -0.10 -28.67
CA PRO B 89 13.74 -0.41 -27.69
C PRO B 89 13.36 -1.89 -27.61
N TYR B 90 12.80 -2.28 -26.46
CA TYR B 90 12.48 -3.67 -26.21
C TYR B 90 11.19 -4.04 -26.93
N VAL B 91 11.24 -5.16 -27.68
CA VAL B 91 10.06 -5.64 -28.39
C VAL B 91 9.57 -7.00 -27.88
N GLY B 92 10.41 -7.79 -27.24
CA GLY B 92 9.95 -9.03 -26.60
C GLY B 92 9.95 -10.22 -27.55
N GLN B 93 10.63 -10.07 -28.70
CA GLN B 93 10.86 -11.17 -29.63
C GLN B 93 12.23 -10.95 -30.24
N GLU B 94 12.88 -12.03 -30.69
CA GLU B 94 14.20 -11.91 -31.30
C GLU B 94 14.06 -11.39 -32.73
N GLU B 95 14.89 -10.40 -33.06
CA GLU B 95 14.99 -9.84 -34.39
C GLU B 95 16.45 -9.86 -34.79
N SER B 96 16.73 -9.52 -36.04
CA SER B 96 18.13 -9.41 -36.48
C SER B 96 18.81 -8.20 -35.77
N CYS B 97 20.10 -8.35 -35.55
CA CYS B 97 20.88 -7.37 -34.84
C CYS B 97 20.83 -6.02 -35.56
N MET B 98 20.41 -4.97 -34.87
CA MET B 98 20.40 -3.62 -35.41
C MET B 98 21.15 -2.64 -34.49
N TYR B 99 22.31 -3.08 -33.96
CA TYR B 99 23.12 -2.25 -33.13
C TYR B 99 23.56 -0.99 -33.92
N ASN B 100 23.43 0.16 -33.25
CA ASN B 100 23.79 1.43 -33.81
C ASN B 100 24.76 2.15 -32.88
N PRO B 101 26.02 2.34 -33.28
CA PRO B 101 27.00 3.07 -32.44
C PRO B 101 26.52 4.48 -32.05
N THR B 102 25.67 5.11 -32.83
CA THR B 102 25.19 6.45 -32.50
C THR B 102 24.35 6.42 -31.21
N GLY B 103 23.73 5.28 -30.92
CA GLY B 103 22.95 5.10 -29.70
C GLY B 103 23.74 4.54 -28.51
N LYS B 104 25.06 4.37 -28.66
CA LYS B 104 25.90 3.78 -27.63
C LYS B 104 25.73 4.57 -26.31
N ALA B 105 25.46 3.86 -25.23
CA ALA B 105 25.27 4.48 -23.91
C ALA B 105 26.18 3.88 -22.83
N ALA B 106 26.85 2.77 -23.10
CA ALA B 106 27.78 2.20 -22.13
C ALA B 106 28.80 1.31 -22.84
N LYS B 107 29.87 1.02 -22.12
CA LYS B 107 30.90 0.06 -22.54
C LYS B 107 31.21 -0.89 -21.40
N CYS B 108 32.08 -1.87 -21.70
CA CYS B 108 32.41 -2.90 -20.76
C CYS B 108 33.85 -3.32 -20.96
N ARG B 109 34.56 -3.61 -19.88
CA ARG B 109 35.96 -4.02 -19.99
C ARG B 109 36.18 -5.47 -19.55
N GLY B 110 35.11 -6.24 -19.47
CA GLY B 110 35.17 -7.62 -19.01
C GLY B 110 34.19 -7.88 -17.89
N TYR B 111 34.40 -9.00 -17.20
CA TYR B 111 33.51 -9.37 -16.12
C TYR B 111 34.26 -10.28 -15.17
N ARG B 112 33.66 -10.45 -14.00
CA ARG B 112 34.19 -11.31 -12.98
C ARG B 112 33.05 -12.18 -12.45
N GLU B 113 33.41 -13.38 -12.00
CA GLU B 113 32.48 -14.39 -11.53
C GLU B 113 32.74 -14.60 -10.04
N ILE B 114 31.68 -14.70 -9.24
CA ILE B 114 31.75 -14.93 -7.82
C ILE B 114 32.00 -16.41 -7.59
N PRO B 115 32.91 -16.81 -6.68
CA PRO B 115 33.08 -18.22 -6.35
C PRO B 115 31.76 -18.92 -5.97
N GLU B 116 31.55 -20.08 -6.60
CA GLU B 116 30.28 -20.77 -6.60
C GLU B 116 29.81 -21.05 -5.15
N GLY B 117 28.63 -20.53 -4.84
CA GLY B 117 27.94 -20.83 -3.61
C GLY B 117 28.39 -19.98 -2.44
N ASN B 118 29.31 -19.03 -2.66
CA ASN B 118 29.81 -18.26 -1.55
C ASN B 118 29.03 -16.95 -1.39
N GLU B 119 28.12 -16.94 -0.42
CA GLU B 119 27.26 -15.79 -0.15
C GLU B 119 28.03 -14.64 0.52
N LYS B 120 29.11 -14.97 1.22
CA LYS B 120 29.92 -13.93 1.82
C LYS B 120 30.69 -13.15 0.75
N ALA B 121 31.22 -13.87 -0.24
CA ALA B 121 31.91 -13.27 -1.38
C ALA B 121 30.91 -12.41 -2.19
N LEU B 122 29.70 -12.94 -2.37
CA LEU B 122 28.67 -12.21 -3.04
C LEU B 122 28.33 -10.92 -2.28
N LYS B 123 28.23 -10.99 -0.95
CA LYS B 123 27.95 -9.82 -0.13
C LYS B 123 29.05 -8.74 -0.32
N ARG B 124 30.31 -9.18 -0.24
CA ARG B 124 31.44 -8.26 -0.40
C ARG B 124 31.46 -7.67 -1.82
N ALA B 125 31.09 -8.47 -2.84
CA ALA B 125 31.04 -7.93 -4.21
C ALA B 125 29.93 -6.88 -4.31
N VAL B 126 28.75 -7.18 -3.78
CA VAL B 126 27.67 -6.20 -3.82
C VAL B 126 28.14 -4.89 -3.15
N ALA B 127 28.79 -4.99 -1.99
CA ALA B 127 29.26 -3.83 -1.24
C ALA B 127 30.35 -3.05 -1.98
N ARG B 128 31.30 -3.76 -2.61
CA ARG B 128 32.47 -3.13 -3.20
C ARG B 128 32.18 -2.59 -4.60
N VAL B 129 31.31 -3.29 -5.33
CA VAL B 129 31.18 -3.06 -6.75
C VAL B 129 29.87 -2.37 -7.11
N GLY B 130 28.77 -2.87 -6.59
CA GLY B 130 27.46 -2.42 -7.01
C GLY B 130 26.56 -3.60 -7.26
N PRO B 131 25.40 -3.40 -7.93
CA PRO B 131 24.52 -4.52 -8.24
C PRO B 131 25.21 -5.64 -9.02
N VAL B 132 24.88 -6.88 -8.66
CA VAL B 132 25.49 -8.06 -9.24
C VAL B 132 24.42 -8.93 -9.88
N SER B 133 24.74 -9.45 -11.07
CA SER B 133 23.84 -10.35 -11.78
C SER B 133 23.88 -11.71 -11.10
N VAL B 134 22.71 -12.30 -10.87
CA VAL B 134 22.66 -13.63 -10.21
C VAL B 134 21.61 -14.52 -10.90
N ALA B 135 21.75 -15.82 -10.73
CA ALA B 135 20.82 -16.80 -11.17
C ALA B 135 20.16 -17.49 -9.98
N ILE B 136 18.89 -17.86 -10.15
CA ILE B 136 18.14 -18.52 -9.09
C ILE B 136 17.17 -19.57 -9.65
N ASP B 137 16.64 -20.38 -8.73
CA ASP B 137 15.44 -21.18 -8.97
C ASP B 137 14.22 -20.32 -8.60
N ALA B 138 13.52 -19.84 -9.63
CA ALA B 138 12.30 -19.07 -9.45
C ALA B 138 11.06 -19.87 -9.87
N SER B 139 11.15 -21.21 -9.87
CA SER B 139 10.10 -22.06 -10.43
C SER B 139 8.93 -22.31 -9.44
N LEU B 140 9.10 -22.06 -8.13
CA LEU B 140 8.05 -22.42 -7.15
C LEU B 140 6.87 -21.45 -7.25
N THR B 141 5.66 -21.96 -6.97
CA THR B 141 4.47 -21.14 -6.88
C THR B 141 4.66 -20.07 -5.79
N SER B 142 5.29 -20.47 -4.67
CA SER B 142 5.52 -19.60 -3.55
C SER B 142 6.32 -18.36 -3.99
N PHE B 143 7.28 -18.56 -4.90
CA PHE B 143 8.09 -17.47 -5.44
C PHE B 143 7.19 -16.54 -6.24
N GLN B 144 6.42 -17.12 -7.13
CA GLN B 144 5.54 -16.37 -8.02
CA GLN B 144 5.53 -16.37 -8.01
C GLN B 144 4.54 -15.51 -7.22
N PHE B 145 4.08 -16.03 -6.07
CA PHE B 145 3.08 -15.35 -5.26
C PHE B 145 3.69 -14.43 -4.19
N TYR B 146 5.01 -14.26 -4.19
CA TYR B 146 5.67 -13.42 -3.23
C TYR B 146 5.03 -12.04 -3.18
N SER B 147 4.83 -11.53 -1.97
CA SER B 147 4.38 -10.13 -1.84
C SER B 147 5.19 -9.36 -0.77
N LYS B 148 5.66 -9.99 0.30
CA LYS B 148 6.45 -9.27 1.31
C LYS B 148 7.17 -10.22 2.26
N GLY B 149 8.07 -9.65 3.07
CA GLY B 149 8.88 -10.44 3.99
C GLY B 149 10.07 -11.05 3.26
N VAL B 150 10.73 -11.98 3.93
CA VAL B 150 11.94 -12.57 3.39
C VAL B 150 11.57 -13.96 2.90
N TYR B 151 11.70 -14.14 1.59
CA TYR B 151 11.33 -15.35 0.96
C TYR B 151 12.33 -16.47 1.27
N TYR B 152 11.75 -17.58 1.77
CA TYR B 152 12.48 -18.83 1.97
C TYR B 152 11.49 -19.98 1.75
N ASP B 153 11.86 -20.94 0.91
CA ASP B 153 11.11 -22.15 0.71
C ASP B 153 12.08 -23.33 0.63
N GLU B 154 11.83 -24.35 1.47
CA GLU B 154 12.70 -25.52 1.56
C GLU B 154 12.70 -26.34 0.26
N SER B 155 11.66 -26.16 -0.56
CA SER B 155 11.55 -26.85 -1.85
C SER B 155 12.38 -26.17 -2.95
N CYS B 156 12.98 -25.02 -2.67
CA CYS B 156 13.82 -24.36 -3.66
C CYS B 156 14.99 -25.28 -4.00
N ASN B 157 15.41 -25.30 -5.26
CA ASN B 157 16.45 -26.24 -5.68
C ASN B 157 17.61 -25.46 -6.27
N SER B 158 18.74 -25.40 -5.55
CA SER B 158 19.91 -24.63 -5.97
CA SER B 158 19.91 -24.62 -5.96
C SER B 158 20.63 -25.23 -7.16
N ASP B 159 20.31 -26.49 -7.52
CA ASP B 159 20.87 -27.14 -8.70
C ASP B 159 19.94 -27.00 -9.91
N ASN B 160 18.88 -26.18 -9.80
CA ASN B 160 17.92 -26.00 -10.87
C ASN B 160 17.78 -24.50 -11.09
N LEU B 161 18.83 -23.90 -11.65
CA LEU B 161 18.85 -22.47 -11.88
C LEU B 161 18.05 -22.21 -13.16
N ASN B 162 17.07 -21.32 -13.10
CA ASN B 162 16.16 -21.13 -14.21
C ASN B 162 15.67 -19.68 -14.36
N HIS B 163 16.35 -18.73 -13.73
CA HIS B 163 15.98 -17.35 -13.87
C HIS B 163 17.21 -16.49 -13.54
N ALA B 164 17.32 -15.34 -14.18
CA ALA B 164 18.39 -14.42 -13.99
C ALA B 164 17.79 -13.12 -13.46
N VAL B 165 18.35 -12.63 -12.37
CA VAL B 165 17.85 -11.43 -11.71
C VAL B 165 19.02 -10.57 -11.26
N LEU B 166 18.76 -9.56 -10.44
CA LEU B 166 19.82 -8.64 -10.05
C LEU B 166 19.82 -8.41 -8.54
N ALA B 167 20.97 -8.63 -7.89
CA ALA B 167 21.10 -8.31 -6.47
C ALA B 167 21.50 -6.85 -6.31
N VAL B 168 20.59 -6.01 -5.80
CA VAL B 168 20.83 -4.60 -5.71
C VAL B 168 21.18 -4.19 -4.29
N GLY B 169 21.32 -5.16 -3.38
CA GLY B 169 21.59 -4.86 -2.01
C GLY B 169 21.39 -6.07 -1.13
N TYR B 170 21.50 -5.84 0.18
CA TYR B 170 21.35 -6.87 1.18
C TYR B 170 21.11 -6.21 2.55
N GLY B 171 20.59 -7.00 3.48
CA GLY B 171 20.26 -6.45 4.79
C GLY B 171 19.61 -7.47 5.69
N ILE B 172 18.78 -6.98 6.61
CA ILE B 172 18.08 -7.83 7.54
C ILE B 172 16.70 -7.22 7.80
N GLN B 173 15.69 -8.08 7.86
CA GLN B 173 14.33 -7.67 8.18
C GLN B 173 13.77 -8.61 9.24
N LYS B 174 13.36 -8.05 10.38
CA LYS B 174 12.79 -8.81 11.52
C LYS B 174 13.62 -10.05 11.84
N GLY B 175 14.93 -9.88 11.96
CA GLY B 175 15.83 -10.98 12.29
C GLY B 175 16.20 -11.88 11.11
N ASN B 176 15.68 -11.64 9.92
CA ASN B 176 15.95 -12.51 8.81
C ASN B 176 16.85 -11.79 7.81
N LYS B 177 18.06 -12.29 7.63
CA LYS B 177 19.00 -11.70 6.69
C LYS B 177 18.52 -11.95 5.25
N HIS B 178 18.78 -11.00 4.38
CA HIS B 178 18.25 -11.07 3.03
C HIS B 178 19.13 -10.43 1.95
N TRP B 179 18.79 -10.78 0.71
CA TRP B 179 19.24 -10.16 -0.52
C TRP B 179 18.10 -9.35 -1.07
N ILE B 180 18.40 -8.15 -1.55
CA ILE B 180 17.39 -7.29 -2.20
C ILE B 180 17.49 -7.59 -3.69
N ILE B 181 16.46 -8.25 -4.23
CA ILE B 181 16.48 -8.74 -5.60
C ILE B 181 15.49 -7.97 -6.48
N LYS B 182 16.01 -7.41 -7.57
CA LYS B 182 15.21 -6.78 -8.61
C LYS B 182 14.84 -7.82 -9.65
N ASN B 183 13.55 -8.06 -9.85
CA ASN B 183 13.04 -8.97 -10.86
C ASN B 183 12.76 -8.18 -12.16
N SER B 184 12.42 -8.88 -13.25
CA SER B 184 12.05 -8.29 -14.54
C SER B 184 10.67 -8.76 -15.00
N TRP B 185 9.73 -8.82 -14.04
CA TRP B 185 8.35 -9.20 -14.29
C TRP B 185 7.41 -8.01 -14.04
N GLY B 186 7.92 -6.79 -14.17
CA GLY B 186 7.14 -5.58 -14.02
C GLY B 186 7.15 -5.11 -12.58
N GLU B 187 6.87 -3.80 -12.40
CA GLU B 187 6.61 -3.14 -11.11
C GLU B 187 5.42 -3.72 -10.37
N ASN B 188 4.52 -4.36 -11.05
CA ASN B 188 3.34 -4.98 -10.49
C ASN B 188 3.63 -6.24 -9.65
N TRP B 189 4.71 -6.98 -9.94
CA TRP B 189 4.98 -8.28 -9.33
C TRP B 189 5.70 -8.08 -8.02
N GLY B 190 5.48 -8.98 -7.06
CA GLY B 190 6.23 -8.96 -5.82
C GLY B 190 5.93 -7.72 -5.01
N ASN B 191 6.97 -7.10 -4.47
CA ASN B 191 6.84 -5.84 -3.76
C ASN B 191 7.45 -4.78 -4.67
N LYS B 192 6.59 -4.18 -5.49
CA LYS B 192 6.98 -3.19 -6.47
C LYS B 192 8.13 -3.69 -7.38
N GLY B 193 8.11 -4.96 -7.76
CA GLY B 193 9.09 -5.49 -8.70
C GLY B 193 10.24 -6.23 -8.04
N TYR B 194 10.29 -6.14 -6.71
CA TYR B 194 11.38 -6.67 -5.92
C TYR B 194 10.94 -7.83 -5.02
N ILE B 195 11.95 -8.62 -4.65
CA ILE B 195 11.75 -9.63 -3.64
C ILE B 195 12.96 -9.62 -2.71
N LEU B 196 12.72 -9.76 -1.41
CA LEU B 196 13.76 -10.05 -0.45
C LEU B 196 13.90 -11.57 -0.34
N MET B 197 15.09 -12.08 -0.65
CA MET B 197 15.35 -13.50 -0.63
C MET B 197 16.33 -13.84 0.51
N ALA B 198 16.09 -14.97 1.19
CA ALA B 198 16.88 -15.34 2.36
C ALA B 198 18.39 -15.39 2.04
N ARG B 199 19.18 -14.82 2.95
CA ARG B 199 20.62 -14.73 2.83
C ARG B 199 21.24 -15.53 3.97
N ASN B 200 22.33 -16.23 3.65
CA ASN B 200 23.07 -17.09 4.57
C ASN B 200 22.18 -18.21 5.13
N LYS B 201 21.24 -18.69 4.32
CA LYS B 201 20.46 -19.88 4.66
C LYS B 201 20.82 -20.98 3.68
N ASN B 202 22.11 -21.32 3.67
CA ASN B 202 22.65 -22.38 2.86
C ASN B 202 22.39 -22.12 1.37
N ASN B 203 22.68 -20.90 0.90
CA ASN B 203 22.61 -20.61 -0.53
C ASN B 203 21.20 -20.91 -1.08
N ALA B 204 20.19 -20.40 -0.38
CA ALA B 204 18.78 -20.64 -0.71
C ALA B 204 18.52 -20.21 -2.15
N CYS B 205 17.85 -21.09 -2.89
CA CYS B 205 17.49 -20.91 -4.29
C CYS B 205 18.71 -20.77 -5.22
N GLY B 206 19.91 -21.11 -4.74
CA GLY B 206 21.13 -21.10 -5.55
C GLY B 206 21.65 -19.71 -5.88
N ILE B 207 21.24 -18.73 -5.07
CA ILE B 207 21.50 -17.31 -5.24
C ILE B 207 22.98 -16.99 -5.56
N ALA B 208 23.92 -17.71 -4.96
CA ALA B 208 25.32 -17.42 -5.18
C ALA B 208 25.99 -18.45 -6.11
N ASN B 209 25.21 -19.22 -6.87
CA ASN B 209 25.78 -20.29 -7.69
C ASN B 209 26.29 -19.82 -9.06
N LEU B 210 25.75 -18.74 -9.61
CA LEU B 210 26.18 -18.28 -10.91
C LEU B 210 26.07 -16.76 -10.98
N ALA B 211 26.84 -16.10 -10.14
CA ALA B 211 26.82 -14.66 -9.99
C ALA B 211 28.01 -14.04 -10.71
N SER B 212 27.76 -12.90 -11.35
CA SER B 212 28.79 -12.19 -12.08
C SER B 212 28.43 -10.72 -12.20
N PHE B 213 29.46 -9.92 -12.47
CA PHE B 213 29.33 -8.51 -12.68
C PHE B 213 30.33 -8.01 -13.70
N PRO B 214 29.94 -6.94 -14.43
CA PRO B 214 30.78 -6.34 -15.46
C PRO B 214 31.81 -5.38 -14.86
N LYS B 215 32.94 -5.27 -15.54
CA LYS B 215 33.95 -4.22 -15.28
C LYS B 215 33.65 -3.08 -16.23
N MET B 216 33.90 -1.87 -15.78
CA MET B 216 33.78 -0.70 -16.66
C MET B 216 35.02 0.20 -16.58
N ARG C 1 -16.97 -36.15 25.02
CA ARG C 1 -15.76 -35.41 25.55
C ARG C 1 -15.31 -34.38 24.49
N ALA C 2 -15.06 -33.16 24.95
CA ALA C 2 -14.79 -32.02 24.10
C ALA C 2 -13.47 -32.20 23.36
N PRO C 3 -13.33 -31.64 22.15
CA PRO C 3 -12.09 -31.84 21.40
C PRO C 3 -10.91 -31.19 22.10
N ASP C 4 -9.72 -31.77 21.91
CA ASP C 4 -8.50 -31.24 22.51
C ASP C 4 -8.12 -29.94 21.78
N SER C 5 -8.49 -29.83 20.51
CA SER C 5 -8.25 -28.64 19.73
C SER C 5 -9.36 -28.41 18.70
N VAL C 6 -9.55 -27.14 18.36
CA VAL C 6 -10.53 -26.67 17.40
C VAL C 6 -9.92 -25.49 16.65
N ASP C 7 -10.14 -25.42 15.34
CA ASP C 7 -9.73 -24.27 14.57
C ASP C 7 -10.78 -24.00 13.50
N TYR C 8 -11.69 -23.05 13.79
CA TYR C 8 -12.77 -22.70 12.87
C TYR C 8 -12.28 -22.10 11.53
N ARG C 9 -11.06 -21.60 11.47
CA ARG C 9 -10.53 -21.12 10.22
C ARG C 9 -10.45 -22.26 9.19
N LYS C 10 -10.16 -23.47 9.65
CA LYS C 10 -10.06 -24.63 8.76
C LYS C 10 -11.42 -25.07 8.23
N LYS C 11 -12.49 -24.69 8.96
CA LYS C 11 -13.84 -25.09 8.60
C LYS C 11 -14.54 -24.05 7.69
N GLY C 12 -13.86 -22.96 7.33
CA GLY C 12 -14.46 -21.89 6.54
C GLY C 12 -15.44 -21.03 7.32
N TYR C 13 -15.33 -20.93 8.63
CA TYR C 13 -16.32 -20.19 9.45
C TYR C 13 -15.85 -18.77 9.76
N VAL C 14 -14.63 -18.43 9.29
CA VAL C 14 -13.99 -17.18 9.68
C VAL C 14 -13.64 -16.32 8.45
N THR C 15 -14.12 -15.08 8.44
CA THR C 15 -13.83 -14.14 7.35
C THR C 15 -12.42 -13.60 7.43
N PRO C 16 -11.92 -12.93 6.38
CA PRO C 16 -10.60 -12.28 6.48
C PRO C 16 -10.49 -11.27 7.61
N VAL C 17 -9.26 -11.03 8.04
CA VAL C 17 -8.96 -10.09 9.11
C VAL C 17 -9.29 -8.67 8.62
N LYS C 18 -9.96 -7.91 9.47
CA LYS C 18 -10.32 -6.55 9.17
C LYS C 18 -9.41 -5.59 9.93
N ASN C 19 -9.52 -4.31 9.59
CA ASN C 19 -8.87 -3.25 10.34
C ASN C 19 -9.90 -2.20 10.79
N GLN C 20 -10.09 -2.07 12.10
CA GLN C 20 -11.10 -1.15 12.65
C GLN C 20 -10.63 0.31 12.53
N GLY C 21 -9.36 0.53 12.22
CA GLY C 21 -8.77 1.86 12.17
C GLY C 21 -8.81 2.58 13.52
N GLN C 22 -9.08 3.88 13.52
CA GLN C 22 -8.96 4.72 14.70
C GLN C 22 -10.34 4.94 15.33
N CYS C 23 -11.22 3.95 15.25
CA CYS C 23 -12.54 4.05 15.86
C CYS C 23 -12.55 3.04 17.01
N GLY C 24 -13.23 3.35 18.12
CA GLY C 24 -13.37 2.39 19.19
C GLY C 24 -14.49 1.37 18.91
N SER C 25 -14.36 0.62 17.81
CA SER C 25 -15.37 -0.27 17.27
C SER C 25 -14.99 -1.75 17.41
N CYS C 26 -14.04 -2.08 18.28
CA CYS C 26 -13.59 -3.45 18.51
C CYS C 26 -14.83 -4.33 18.82
N TRP C 27 -15.72 -3.78 19.63
CA TRP C 27 -16.92 -4.46 20.05
C TRP C 27 -17.79 -4.85 18.87
N ALA C 28 -17.87 -3.98 17.85
CA ALA C 28 -18.63 -4.25 16.67
C ALA C 28 -17.94 -5.33 15.81
N PHE C 29 -16.62 -5.30 15.70
CA PHE C 29 -15.90 -6.36 14.91
C PHE C 29 -16.02 -7.71 15.61
N SER C 30 -15.92 -7.71 16.94
CA SER C 30 -16.05 -8.95 17.71
C SER C 30 -17.44 -9.55 17.52
N SER C 31 -18.46 -8.70 17.59
CA SER C 31 -19.85 -9.11 17.45
C SER C 31 -20.10 -9.74 16.07
N VAL C 32 -19.66 -9.06 15.04
CA VAL C 32 -19.88 -9.47 13.65
C VAL C 32 -19.15 -10.78 13.39
N GLY C 33 -17.98 -10.97 13.97
CA GLY C 33 -17.22 -12.21 13.83
C GLY C 33 -17.99 -13.41 14.39
N ALA C 34 -18.61 -13.24 15.57
CA ALA C 34 -19.42 -14.27 16.16
C ALA C 34 -20.65 -14.56 15.28
N LEU C 35 -21.31 -13.50 14.78
CA LEU C 35 -22.45 -13.67 13.92
C LEU C 35 -22.06 -14.36 12.62
N GLU C 36 -20.95 -13.96 12.02
CA GLU C 36 -20.44 -14.58 10.79
C GLU C 36 -20.26 -16.08 11.01
N GLY C 37 -19.71 -16.50 12.16
CA GLY C 37 -19.53 -17.93 12.43
C GLY C 37 -20.84 -18.68 12.49
N GLN C 38 -21.84 -18.13 13.19
CA GLN C 38 -23.15 -18.77 13.28
C GLN C 38 -23.83 -18.81 11.91
N LEU C 39 -23.71 -17.75 11.11
CA LEU C 39 -24.33 -17.73 9.80
C LEU C 39 -23.78 -18.86 8.94
N LYS C 40 -22.46 -19.05 8.98
CA LYS C 40 -21.84 -20.09 8.19
C LYS C 40 -22.40 -21.45 8.62
N LYS C 41 -22.40 -21.66 9.93
CA LYS C 41 -22.83 -22.90 10.53
C LYS C 41 -24.26 -23.20 10.13
N LYS C 42 -25.13 -22.20 10.25
CA LYS C 42 -26.55 -22.39 9.99
C LYS C 42 -26.87 -22.51 8.48
N THR C 43 -26.25 -21.70 7.63
CA THR C 43 -26.70 -21.57 6.23
C THR C 43 -25.66 -22.04 5.21
N GLY C 44 -24.42 -22.32 5.63
CA GLY C 44 -23.41 -22.77 4.69
C GLY C 44 -22.73 -21.63 3.95
N LYS C 45 -23.14 -20.39 4.23
CA LYS C 45 -22.60 -19.22 3.52
C LYS C 45 -21.68 -18.42 4.45
N LEU C 46 -20.47 -18.14 3.95
CA LEU C 46 -19.57 -17.20 4.61
C LEU C 46 -19.66 -15.82 3.94
N LEU C 47 -20.08 -14.82 4.71
CA LEU C 47 -20.25 -13.45 4.25
C LEU C 47 -19.69 -12.48 5.29
N ASN C 48 -19.16 -11.34 4.84
CA ASN C 48 -18.77 -10.26 5.73
C ASN C 48 -20.04 -9.51 6.16
N LEU C 49 -20.24 -9.39 7.47
CA LEU C 49 -21.36 -8.62 8.04
C LEU C 49 -20.88 -7.21 8.41
N SER C 50 -21.80 -6.33 8.77
CA SER C 50 -21.52 -4.92 8.83
C SER C 50 -21.27 -4.43 10.26
N PRO C 51 -20.00 -4.18 10.62
CA PRO C 51 -19.69 -3.48 11.86
C PRO C 51 -20.22 -2.03 11.92
N GLN C 52 -20.29 -1.37 10.77
CA GLN C 52 -20.76 0.01 10.73
C GLN C 52 -22.22 0.12 11.14
N ASN C 53 -23.02 -0.87 10.71
CA ASN C 53 -24.41 -1.00 11.07
C ASN C 53 -24.52 -0.93 12.60
N LEU C 54 -23.66 -1.69 13.27
CA LEU C 54 -23.64 -1.73 14.73
C LEU C 54 -23.19 -0.38 15.32
N VAL C 55 -22.08 0.14 14.81
CA VAL C 55 -21.54 1.38 15.32
C VAL C 55 -22.60 2.48 15.26
N ASP C 56 -23.29 2.59 14.12
CA ASP C 56 -24.21 3.69 13.88
C ASP C 56 -25.54 3.51 14.65
N CYS C 57 -25.96 2.25 14.88
CA CYS C 57 -27.33 1.94 15.23
C CYS C 57 -27.54 1.40 16.66
N VAL C 58 -26.50 0.88 17.32
CA VAL C 58 -26.65 0.35 18.66
C VAL C 58 -26.63 1.53 19.62
N SER C 59 -27.79 2.09 19.89
CA SER C 59 -27.86 3.37 20.63
C SER C 59 -27.47 3.20 22.11
N GLU C 60 -27.52 2.01 22.66
CA GLU C 60 -27.10 1.72 24.07
C GLU C 60 -25.57 1.71 24.19
N ASN C 61 -24.85 1.49 23.07
CA ASN C 61 -23.41 1.63 22.99
C ASN C 61 -23.02 3.09 22.69
N ASP C 62 -21.71 3.36 22.62
CA ASP C 62 -21.20 4.72 22.39
C ASP C 62 -20.43 4.83 21.06
N GLY C 63 -20.84 4.05 20.07
CA GLY C 63 -20.27 4.15 18.74
C GLY C 63 -18.77 3.95 18.78
N CYS C 64 -18.02 4.94 18.25
CA CYS C 64 -16.56 4.87 18.23
C CYS C 64 -15.99 5.12 19.63
N GLY C 65 -16.83 5.53 20.59
CA GLY C 65 -16.42 5.63 22.00
C GLY C 65 -16.37 4.29 22.74
N GLY C 66 -16.77 3.18 22.10
CA GLY C 66 -16.78 1.89 22.75
C GLY C 66 -18.18 1.36 22.96
N GLY C 67 -18.23 0.08 23.30
CA GLY C 67 -19.45 -0.64 23.42
C GLY C 67 -19.27 -2.05 23.97
N TYR C 68 -20.42 -2.73 24.12
CA TYR C 68 -20.51 -4.08 24.57
C TYR C 68 -21.10 -4.94 23.47
N MET C 69 -20.53 -6.15 23.30
CA MET C 69 -21.05 -7.13 22.35
C MET C 69 -22.49 -7.53 22.71
N THR C 70 -22.80 -7.66 23.98
CA THR C 70 -24.16 -8.07 24.38
C THR C 70 -25.20 -7.08 23.85
N ASN C 71 -24.88 -5.79 23.89
CA ASN C 71 -25.76 -4.75 23.43
C ASN C 71 -25.96 -4.90 21.91
N ALA C 72 -24.89 -5.28 21.22
CA ALA C 72 -24.93 -5.46 19.80
C ALA C 72 -25.84 -6.61 19.41
N PHE C 73 -25.70 -7.74 20.07
CA PHE C 73 -26.57 -8.90 19.78
C PHE C 73 -28.04 -8.52 20.05
N GLN C 74 -28.30 -7.83 21.15
CA GLN C 74 -29.68 -7.40 21.48
C GLN C 74 -30.26 -6.49 20.36
N TYR C 75 -29.45 -5.54 19.88
CA TYR C 75 -29.90 -4.69 18.78
C TYR C 75 -30.26 -5.54 17.54
N VAL C 76 -29.36 -6.45 17.13
CA VAL C 76 -29.60 -7.23 15.91
C VAL C 76 -30.94 -7.99 16.07
N GLN C 77 -31.18 -8.51 17.26
CA GLN C 77 -32.41 -9.21 17.55
C GLN C 77 -33.60 -8.26 17.41
N LYS C 78 -33.58 -7.13 18.08
CA LYS C 78 -34.72 -6.20 18.06
C LYS C 78 -34.92 -5.59 16.65
N ASN C 79 -33.83 -5.36 15.93
CA ASN C 79 -33.86 -4.80 14.60
C ASN C 79 -34.37 -5.80 13.54
N ARG C 80 -34.41 -7.07 13.90
CA ARG C 80 -34.78 -8.18 13.03
C ARG C 80 -33.76 -8.33 11.89
N GLY C 81 -32.52 -7.86 12.09
CA GLY C 81 -31.44 -8.21 11.17
C GLY C 81 -30.22 -7.32 11.29
N ILE C 82 -29.15 -7.77 10.61
CA ILE C 82 -27.96 -7.00 10.41
C ILE C 82 -27.61 -7.06 8.92
N ASP C 83 -27.08 -5.94 8.41
CA ASP C 83 -26.71 -5.88 7.03
C ASP C 83 -25.39 -6.60 6.75
N SER C 84 -25.20 -6.90 5.48
CA SER C 84 -23.91 -7.32 4.99
C SER C 84 -22.99 -6.09 5.00
N GLU C 85 -21.67 -6.32 4.97
CA GLU C 85 -20.69 -5.22 4.80
C GLU C 85 -20.98 -4.47 3.49
N ASP C 86 -21.31 -5.20 2.41
CA ASP C 86 -21.56 -4.54 1.11
C ASP C 86 -22.74 -3.57 1.20
N ALA C 87 -23.80 -3.94 1.93
CA ALA C 87 -24.99 -3.10 2.08
C ALA C 87 -24.74 -1.90 3.01
N TYR C 88 -23.83 -2.02 3.99
CA TYR C 88 -23.60 -0.98 5.00
C TYR C 88 -22.10 -0.93 5.26
N PRO C 89 -21.30 -0.27 4.39
CA PRO C 89 -19.84 -0.41 4.44
C PRO C 89 -19.17 0.37 5.57
N TYR C 90 -17.98 -0.09 5.98
CA TYR C 90 -17.29 0.45 7.13
C TYR C 90 -16.63 1.79 6.79
N VAL C 91 -16.89 2.78 7.63
CA VAL C 91 -16.35 4.13 7.47
C VAL C 91 -15.32 4.48 8.55
N GLY C 92 -15.47 3.97 9.77
CA GLY C 92 -14.54 4.21 10.85
C GLY C 92 -14.79 5.51 11.60
N GLN C 93 -15.98 6.09 11.40
CA GLN C 93 -16.50 7.15 12.23
C GLN C 93 -17.99 6.84 12.44
N GLU C 94 -18.56 7.30 13.57
CA GLU C 94 -20.00 7.19 13.79
C GLU C 94 -20.76 8.16 12.86
N GLU C 95 -21.79 7.62 12.20
CA GLU C 95 -22.70 8.38 11.37
C GLU C 95 -24.12 8.02 11.83
N SER C 96 -25.12 8.64 11.21
CA SER C 96 -26.50 8.34 11.54
C SER C 96 -26.89 6.91 11.08
N CYS C 97 -27.73 6.27 11.88
CA CYS C 97 -28.16 4.93 11.60
C CYS C 97 -28.98 4.88 10.30
N MET C 98 -28.53 4.12 9.31
CA MET C 98 -29.26 3.98 8.07
C MET C 98 -29.28 2.51 7.64
N TYR C 99 -29.83 1.69 8.52
CA TYR C 99 -30.00 0.26 8.20
C TYR C 99 -30.87 0.09 6.95
N ASN C 100 -30.47 -0.84 6.10
CA ASN C 100 -31.20 -1.20 4.90
C ASN C 100 -31.68 -2.66 4.92
N PRO C 101 -32.98 -2.90 5.11
CA PRO C 101 -33.50 -4.29 5.16
C PRO C 101 -33.18 -5.12 3.91
N THR C 102 -33.04 -4.48 2.75
CA THR C 102 -32.76 -5.23 1.54
C THR C 102 -31.37 -5.88 1.61
N GLY C 103 -30.46 -5.27 2.37
CA GLY C 103 -29.13 -5.81 2.60
C GLY C 103 -29.00 -6.76 3.79
N LYS C 104 -30.11 -7.12 4.44
CA LYS C 104 -30.11 -8.05 5.55
C LYS C 104 -29.35 -9.34 5.13
N ALA C 105 -28.37 -9.74 5.95
CA ALA C 105 -27.58 -10.94 5.67
C ALA C 105 -27.61 -11.95 6.83
N ALA C 106 -28.11 -11.54 7.99
CA ALA C 106 -28.14 -12.42 9.12
C ALA C 106 -29.15 -11.90 10.14
N LYS C 107 -29.56 -12.84 11.00
CA LYS C 107 -30.48 -12.56 12.08
C LYS C 107 -29.91 -13.14 13.37
N CYS C 108 -30.47 -12.65 14.47
CA CYS C 108 -30.08 -13.06 15.77
C CYS C 108 -31.33 -13.25 16.62
N ARG C 109 -31.38 -14.34 17.39
CA ARG C 109 -32.58 -14.55 18.21
C ARG C 109 -32.21 -14.62 19.69
N GLY C 110 -31.15 -13.91 20.07
CA GLY C 110 -30.73 -13.80 21.46
C GLY C 110 -29.23 -14.04 21.59
N TYR C 111 -28.76 -14.17 22.82
CA TYR C 111 -27.32 -14.42 23.04
C TYR C 111 -27.18 -15.11 24.38
N ARG C 112 -26.01 -15.66 24.59
CA ARG C 112 -25.67 -16.30 25.84
C ARG C 112 -24.28 -15.84 26.28
N GLU C 113 -24.08 -15.85 27.58
CA GLU C 113 -22.85 -15.38 28.23
C GLU C 113 -22.18 -16.59 28.85
N ILE C 114 -20.87 -16.71 28.64
CA ILE C 114 -20.05 -17.74 29.22
C ILE C 114 -19.92 -17.46 30.71
N PRO C 115 -20.04 -18.48 31.58
CA PRO C 115 -19.79 -18.29 33.01
C PRO C 115 -18.47 -17.57 33.32
N GLU C 116 -18.57 -16.54 34.16
CA GLU C 116 -17.50 -15.55 34.31
C GLU C 116 -16.21 -16.22 34.78
N GLY C 117 -15.15 -16.03 34.00
CA GLY C 117 -13.80 -16.49 34.36
C GLY C 117 -13.54 -17.95 34.12
N ASN C 118 -14.51 -18.66 33.57
CA ASN C 118 -14.36 -20.10 33.46
C ASN C 118 -13.87 -20.46 32.06
N GLU C 119 -12.58 -20.82 31.99
CA GLU C 119 -11.94 -21.15 30.70
C GLU C 119 -12.40 -22.51 30.17
N LYS C 120 -12.83 -23.39 31.06
CA LYS C 120 -13.33 -24.70 30.61
C LYS C 120 -14.69 -24.53 29.92
N ALA C 121 -15.55 -23.66 30.49
CA ALA C 121 -16.82 -23.31 29.88
C ALA C 121 -16.61 -22.63 28.53
N LEU C 122 -15.62 -21.73 28.48
CA LEU C 122 -15.30 -21.04 27.25
C LEU C 122 -14.84 -22.04 26.20
N LYS C 123 -14.00 -23.00 26.59
CA LYS C 123 -13.51 -24.04 25.67
C LYS C 123 -14.69 -24.84 25.09
N ARG C 124 -15.58 -25.27 25.96
CA ARG C 124 -16.75 -26.07 25.55
C ARG C 124 -17.68 -25.24 24.67
N ALA C 125 -17.82 -23.94 24.92
CA ALA C 125 -18.65 -23.08 24.07
C ALA C 125 -18.01 -22.96 22.69
N VAL C 126 -16.69 -22.72 22.65
CA VAL C 126 -16.03 -22.62 21.36
C VAL C 126 -16.25 -23.93 20.58
N ALA C 127 -16.09 -25.07 21.25
CA ALA C 127 -16.27 -26.38 20.61
C ALA C 127 -17.70 -26.63 20.13
N ARG C 128 -18.69 -26.27 20.97
CA ARG C 128 -20.06 -26.67 20.75
C ARG C 128 -20.79 -25.68 19.85
N VAL C 129 -20.38 -24.41 19.88
CA VAL C 129 -21.11 -23.37 19.21
C VAL C 129 -20.41 -22.85 17.96
N GLY C 130 -19.15 -22.49 18.11
CA GLY C 130 -18.43 -21.79 17.05
C GLY C 130 -17.64 -20.64 17.64
N PRO C 131 -17.15 -19.70 16.81
CA PRO C 131 -16.40 -18.56 17.33
C PRO C 131 -17.18 -17.78 18.40
N VAL C 132 -16.50 -17.36 19.44
CA VAL C 132 -17.09 -16.67 20.58
C VAL C 132 -16.44 -15.29 20.71
N SER C 133 -17.28 -14.29 20.96
CA SER C 133 -16.83 -12.96 21.27
C SER C 133 -16.21 -12.92 22.66
N VAL C 134 -15.02 -12.33 22.79
CA VAL C 134 -14.36 -12.26 24.10
C VAL C 134 -13.75 -10.87 24.28
N ALA C 135 -13.57 -10.48 25.54
CA ALA C 135 -12.91 -9.24 25.90
C ALA C 135 -11.62 -9.55 26.64
N ILE C 136 -10.61 -8.72 26.43
CA ILE C 136 -9.29 -8.90 27.01
C ILE C 136 -8.65 -7.56 27.38
N ASP C 137 -7.58 -7.66 28.17
CA ASP C 137 -6.61 -6.58 28.34
C ASP C 137 -5.57 -6.69 27.23
N ALA C 138 -5.65 -5.79 26.25
CA ALA C 138 -4.71 -5.73 25.15
C ALA C 138 -3.80 -4.50 25.24
N SER C 139 -3.66 -3.91 26.44
CA SER C 139 -2.98 -2.62 26.61
C SER C 139 -1.43 -2.75 26.68
N LEU C 140 -0.88 -3.95 26.92
CA LEU C 140 0.57 -4.08 27.15
C LEU C 140 1.34 -3.95 25.83
N THR C 141 2.57 -3.42 25.92
CA THR C 141 3.41 -3.27 24.75
C THR C 141 3.74 -4.66 24.21
N SER C 142 3.91 -5.64 25.10
CA SER C 142 4.19 -7.04 24.68
C SER C 142 3.07 -7.55 23.75
N PHE C 143 1.83 -7.17 24.03
CA PHE C 143 0.68 -7.56 23.20
C PHE C 143 0.80 -6.88 21.84
N GLN C 144 1.05 -5.58 21.86
CA GLN C 144 1.17 -4.79 20.65
C GLN C 144 2.26 -5.33 19.72
N PHE C 145 3.35 -5.86 20.31
CA PHE C 145 4.48 -6.32 19.54
C PHE C 145 4.44 -7.81 19.24
N TYR C 146 3.34 -8.47 19.56
CA TYR C 146 3.23 -9.91 19.38
C TYR C 146 3.58 -10.30 17.94
N SER C 147 4.34 -11.36 17.77
CA SER C 147 4.58 -11.89 16.43
C SER C 147 4.37 -13.41 16.32
N LYS C 148 4.71 -14.19 17.36
CA LYS C 148 4.52 -15.66 17.28
C LYS C 148 4.63 -16.31 18.66
N GLY C 149 4.26 -17.59 18.72
CA GLY C 149 4.26 -18.33 19.97
C GLY C 149 2.99 -18.02 20.76
N VAL C 150 2.99 -18.43 22.04
CA VAL C 150 1.82 -18.32 22.85
C VAL C 150 2.02 -17.15 23.80
N TYR C 151 1.19 -16.14 23.64
CA TYR C 151 1.32 -14.93 24.40
C TYR C 151 0.87 -15.13 25.86
N TYR C 152 1.78 -14.75 26.76
CA TYR C 152 1.51 -14.67 28.18
C TYR C 152 2.32 -13.53 28.77
N ASP C 153 1.67 -12.66 29.55
CA ASP C 153 2.34 -11.61 30.28
C ASP C 153 1.67 -11.44 31.65
N GLU C 154 2.49 -11.55 32.69
CA GLU C 154 2.05 -11.49 34.08
C GLU C 154 1.49 -10.11 34.43
N SER C 155 1.85 -9.08 33.66
CA SER C 155 1.37 -7.72 33.88
C SER C 155 -0.03 -7.49 33.31
N CYS C 156 -0.58 -8.48 32.61
CA CYS C 156 -1.91 -8.37 32.07
C CYS C 156 -2.89 -8.22 33.23
N ASN C 157 -3.91 -7.41 33.05
CA ASN C 157 -4.84 -7.14 34.12
C ASN C 157 -6.26 -7.57 33.69
N SER C 158 -6.73 -8.70 34.25
CA SER C 158 -8.00 -9.30 33.87
C SER C 158 -9.20 -8.46 34.40
N ASP C 159 -8.95 -7.49 35.27
CA ASP C 159 -9.97 -6.55 35.72
C ASP C 159 -9.97 -5.26 34.90
N ASN C 160 -9.20 -5.20 33.82
CA ASN C 160 -9.08 -3.99 33.01
C ASN C 160 -9.26 -4.43 31.57
N LEU C 161 -10.50 -4.83 31.25
CA LEU C 161 -10.83 -5.31 29.92
C LEU C 161 -10.97 -4.09 29.04
N ASN C 162 -10.27 -4.07 27.90
CA ASN C 162 -10.18 -2.86 27.10
C ASN C 162 -10.11 -3.16 25.59
N HIS C 163 -10.46 -4.36 25.18
CA HIS C 163 -10.46 -4.72 23.80
C HIS C 163 -11.39 -5.92 23.63
N ALA C 164 -12.06 -5.98 22.49
CA ALA C 164 -12.98 -7.04 22.15
C ALA C 164 -12.42 -7.73 20.90
N VAL C 165 -12.33 -9.06 20.95
CA VAL C 165 -11.77 -9.84 19.86
C VAL C 165 -12.61 -11.11 19.69
N LEU C 166 -12.11 -12.07 18.91
CA LEU C 166 -12.86 -13.26 18.59
C LEU C 166 -12.05 -14.52 18.81
N ALA C 167 -12.58 -15.42 19.66
CA ALA C 167 -11.92 -16.71 19.85
C ALA C 167 -12.43 -17.69 18.79
N VAL C 168 -11.55 -18.06 17.86
CA VAL C 168 -11.94 -18.87 16.74
C VAL C 168 -11.47 -20.30 16.91
N GLY C 169 -10.89 -20.62 18.06
CA GLY C 169 -10.37 -21.96 18.27
C GLY C 169 -9.51 -22.01 19.49
N TYR C 170 -8.90 -23.18 19.69
CA TYR C 170 -8.03 -23.43 20.81
C TYR C 170 -7.19 -24.66 20.54
N GLY C 171 -6.09 -24.80 21.27
CA GLY C 171 -5.17 -25.90 20.98
C GLY C 171 -3.93 -25.85 21.86
N ILE C 172 -2.84 -26.41 21.33
CA ILE C 172 -1.60 -26.47 22.02
C ILE C 172 -0.48 -26.31 21.00
N GLN C 173 0.52 -25.50 21.34
CA GLN C 173 1.70 -25.29 20.53
C GLN C 173 2.93 -25.46 21.40
N LYS C 174 3.78 -26.42 21.03
CA LYS C 174 5.05 -26.73 21.75
C LYS C 174 4.82 -26.79 23.26
N GLY C 175 3.81 -27.55 23.69
CA GLY C 175 3.53 -27.71 25.11
C GLY C 175 2.70 -26.58 25.73
N ASN C 176 2.39 -25.53 24.98
CA ASN C 176 1.69 -24.40 25.54
C ASN C 176 0.25 -24.36 25.04
N LYS C 177 -0.71 -24.54 25.94
CA LYS C 177 -2.10 -24.49 25.60
C LYS C 177 -2.50 -23.03 25.27
N HIS C 178 -3.38 -22.90 24.27
CA HIS C 178 -3.73 -21.57 23.79
C HIS C 178 -5.17 -21.43 23.30
N TRP C 179 -5.55 -20.16 23.12
CA TRP C 179 -6.72 -19.68 22.44
C TRP C 179 -6.26 -19.10 21.12
N ILE C 180 -7.00 -19.38 20.05
CA ILE C 180 -6.69 -18.82 18.73
C ILE C 180 -7.55 -17.58 18.59
N ILE C 181 -6.91 -16.40 18.61
CA ILE C 181 -7.61 -15.13 18.65
C ILE C 181 -7.45 -14.37 17.33
N LYS C 182 -8.59 -14.01 16.75
CA LYS C 182 -8.61 -13.11 15.60
C LYS C 182 -8.76 -11.67 16.09
N ASN C 183 -7.79 -10.82 15.78
CA ASN C 183 -7.82 -9.41 16.10
C ASN C 183 -8.42 -8.62 14.91
N SER C 184 -8.69 -7.31 15.11
CA SER C 184 -9.25 -6.40 14.12
C SER C 184 -8.29 -5.20 13.91
N TRP C 185 -6.99 -5.46 13.89
CA TRP C 185 -5.98 -4.44 13.66
C TRP C 185 -5.26 -4.67 12.32
N GLY C 186 -5.89 -5.37 11.40
CA GLY C 186 -5.35 -5.63 10.09
C GLY C 186 -4.39 -6.82 10.06
N GLU C 187 -4.05 -7.23 8.83
CA GLU C 187 -3.23 -8.41 8.56
C GLU C 187 -1.77 -8.20 8.93
N ASN C 188 -1.35 -6.94 9.00
CA ASN C 188 0.03 -6.65 9.30
C ASN C 188 0.35 -6.76 10.79
N TRP C 189 -0.65 -6.77 11.65
CA TRP C 189 -0.41 -6.94 13.07
C TRP C 189 -0.32 -8.44 13.43
N GLY C 190 0.49 -8.75 14.43
CA GLY C 190 0.55 -10.08 15.00
C GLY C 190 1.05 -11.10 13.99
N ASN C 191 0.40 -12.25 13.99
CA ASN C 191 0.68 -13.29 13.03
C ASN C 191 -0.46 -13.30 12.02
N LYS C 192 -0.28 -12.52 10.96
CA LYS C 192 -1.27 -12.27 9.91
C LYS C 192 -2.63 -11.87 10.53
N GLY C 193 -2.63 -11.05 11.57
CA GLY C 193 -3.89 -10.57 12.18
C GLY C 193 -4.34 -11.36 13.40
N TYR C 194 -3.65 -12.48 13.67
CA TYR C 194 -4.02 -13.38 14.78
C TYR C 194 -2.98 -13.39 15.90
N ILE C 195 -3.42 -13.83 17.09
CA ILE C 195 -2.54 -14.08 18.19
C ILE C 195 -2.98 -15.36 18.90
N LEU C 196 -2.00 -16.18 19.28
CA LEU C 196 -2.27 -17.29 20.20
C LEU C 196 -2.08 -16.78 21.63
N MET C 197 -3.13 -16.86 22.44
CA MET C 197 -3.08 -16.39 23.82
C MET C 197 -3.15 -17.56 24.81
N ALA C 198 -2.38 -17.49 25.88
CA ALA C 198 -2.27 -18.58 26.83
C ALA C 198 -3.65 -18.99 27.40
N ARG C 199 -3.85 -20.30 27.47
CA ARG C 199 -5.09 -20.91 27.90
C ARG C 199 -4.78 -21.73 29.15
N ASN C 200 -5.72 -21.68 30.11
CA ASN C 200 -5.62 -22.37 31.38
C ASN C 200 -4.40 -21.90 32.18
N LYS C 201 -4.06 -20.62 32.06
CA LYS C 201 -3.06 -19.98 32.89
C LYS C 201 -3.78 -18.92 33.73
N ASN C 202 -4.78 -19.38 34.50
CA ASN C 202 -5.50 -18.52 35.44
C ASN C 202 -6.17 -17.35 34.70
N ASN C 203 -6.86 -17.62 33.60
CA ASN C 203 -7.68 -16.63 32.91
C ASN C 203 -6.81 -15.43 32.52
N ALA C 204 -5.68 -15.74 31.86
CA ALA C 204 -4.72 -14.75 31.43
C ALA C 204 -5.41 -13.70 30.55
N CYS C 205 -5.15 -12.42 30.88
CA CYS C 205 -5.71 -11.24 30.20
C CYS C 205 -7.25 -11.16 30.28
N GLY C 206 -7.87 -11.93 31.16
CA GLY C 206 -9.31 -11.87 31.41
C GLY C 206 -10.17 -12.47 30.29
N ILE C 207 -9.56 -13.35 29.50
CA ILE C 207 -10.12 -13.94 28.28
C ILE C 207 -11.53 -14.50 28.49
N ALA C 208 -11.83 -15.07 29.66
CA ALA C 208 -13.12 -15.66 29.89
C ALA C 208 -14.00 -14.79 30.81
N ASN C 209 -13.65 -13.51 30.99
CA ASN C 209 -14.40 -12.65 31.92
C ASN C 209 -15.68 -12.05 31.32
N LEU C 210 -15.72 -11.86 30.01
CA LEU C 210 -16.85 -11.24 29.39
C LEU C 210 -17.03 -11.78 27.97
N ALA C 211 -17.34 -13.07 27.92
CA ALA C 211 -17.43 -13.80 26.68
C ALA C 211 -18.90 -14.09 26.40
N SER C 212 -19.27 -14.00 25.11
CA SER C 212 -20.61 -14.22 24.70
C SER C 212 -20.68 -14.60 23.24
N PHE C 213 -21.83 -15.17 22.87
CA PHE C 213 -22.14 -15.55 21.51
C PHE C 213 -23.62 -15.39 21.21
N PRO C 214 -23.95 -15.13 19.92
CA PRO C 214 -25.33 -15.00 19.46
C PRO C 214 -26.01 -16.35 19.18
N LYS C 215 -27.32 -16.41 19.40
CA LYS C 215 -28.15 -17.52 18.95
C LYS C 215 -28.72 -17.15 17.58
N MET C 216 -28.79 -18.14 16.68
CA MET C 216 -29.32 -17.95 15.35
C MET C 216 -30.25 -19.13 14.99
N ARG D 1 11.93 12.16 -14.08
CA ARG D 1 11.36 12.95 -15.21
C ARG D 1 10.79 11.98 -16.24
N ALA D 2 9.83 12.45 -17.04
CA ALA D 2 9.01 11.51 -17.82
C ALA D 2 9.82 10.94 -18.98
N PRO D 3 9.69 9.63 -19.26
CA PRO D 3 10.38 9.02 -20.38
C PRO D 3 9.91 9.62 -21.71
N ASP D 4 10.71 9.41 -22.76
CA ASP D 4 10.40 9.86 -24.10
C ASP D 4 9.17 9.11 -24.65
N SER D 5 9.03 7.85 -24.24
CA SER D 5 7.96 7.01 -24.68
C SER D 5 7.61 5.99 -23.61
N VAL D 6 6.32 5.64 -23.60
CA VAL D 6 5.74 4.70 -22.65
C VAL D 6 4.66 3.92 -23.42
N ASP D 7 4.61 2.60 -23.21
CA ASP D 7 3.56 1.79 -23.80
C ASP D 7 3.13 0.74 -22.78
N TYR D 8 2.01 1.00 -22.10
CA TYR D 8 1.48 0.10 -21.09
C TYR D 8 1.02 -1.25 -21.62
N ARG D 9 0.84 -1.41 -22.94
CA ARG D 9 0.55 -2.72 -23.49
C ARG D 9 1.73 -3.66 -23.25
N LYS D 10 2.94 -3.13 -23.30
CA LYS D 10 4.16 -3.94 -23.07
C LYS D 10 4.31 -4.32 -21.59
N LYS D 11 3.66 -3.57 -20.70
CA LYS D 11 3.78 -3.78 -19.26
C LYS D 11 2.67 -4.71 -18.72
N GLY D 12 1.77 -5.18 -19.58
CA GLY D 12 0.65 -6.03 -19.19
C GLY D 12 -0.44 -5.28 -18.42
N TYR D 13 -0.61 -3.98 -18.68
CA TYR D 13 -1.61 -3.16 -17.95
C TYR D 13 -2.91 -3.04 -18.76
N VAL D 14 -2.93 -3.60 -19.97
CA VAL D 14 -3.99 -3.35 -20.93
C VAL D 14 -4.64 -4.65 -21.40
N THR D 15 -5.95 -4.71 -21.16
CA THR D 15 -6.75 -5.87 -21.59
C THR D 15 -7.00 -5.87 -23.10
N PRO D 16 -7.55 -6.96 -23.66
CA PRO D 16 -7.90 -6.94 -25.08
C PRO D 16 -8.92 -5.85 -25.44
N VAL D 17 -8.91 -5.48 -26.71
CA VAL D 17 -9.82 -4.49 -27.28
C VAL D 17 -11.22 -5.10 -27.27
N LYS D 18 -12.18 -4.29 -26.81
CA LYS D 18 -13.56 -4.69 -26.71
C LYS D 18 -14.35 -4.01 -27.83
N ASN D 19 -15.62 -4.41 -27.98
CA ASN D 19 -16.54 -3.74 -28.89
C ASN D 19 -17.81 -3.34 -28.14
N GLN D 20 -18.05 -2.03 -28.03
CA GLN D 20 -19.20 -1.51 -27.30
C GLN D 20 -20.52 -1.74 -28.05
N GLY D 21 -20.47 -2.13 -29.34
CA GLY D 21 -21.68 -2.34 -30.14
C GLY D 21 -22.56 -1.10 -30.27
N GLN D 22 -23.86 -1.27 -30.29
CA GLN D 22 -24.81 -0.17 -30.60
C GLN D 22 -25.33 0.44 -29.29
N CYS D 23 -24.44 0.80 -28.38
CA CYS D 23 -24.83 1.42 -27.11
C CYS D 23 -23.90 2.62 -26.93
N GLY D 24 -24.36 3.73 -26.34
CA GLY D 24 -23.48 4.86 -26.08
C GLY D 24 -22.68 4.69 -24.78
N SER D 25 -21.91 3.60 -24.71
CA SER D 25 -21.18 3.18 -23.52
C SER D 25 -19.68 3.41 -23.61
N CYS D 26 -19.22 4.27 -24.54
CA CYS D 26 -17.79 4.60 -24.71
C CYS D 26 -17.18 4.99 -23.36
N TRP D 27 -17.93 5.78 -22.58
CA TRP D 27 -17.53 6.26 -21.31
C TRP D 27 -17.24 5.14 -20.33
N ALA D 28 -18.04 4.06 -20.37
CA ALA D 28 -17.87 2.92 -19.51
C ALA D 28 -16.64 2.13 -19.94
N PHE D 29 -16.39 1.99 -21.25
CA PHE D 29 -15.17 1.25 -21.69
C PHE D 29 -13.91 2.03 -21.33
N SER D 30 -13.96 3.35 -21.50
CA SER D 30 -12.83 4.21 -21.13
C SER D 30 -12.52 4.07 -19.63
N SER D 31 -13.57 4.12 -18.81
CA SER D 31 -13.45 4.06 -17.38
C SER D 31 -12.84 2.73 -16.95
N VAL D 32 -13.36 1.62 -17.45
CA VAL D 32 -12.90 0.33 -17.04
C VAL D 32 -11.45 0.11 -17.48
N GLY D 33 -11.09 0.64 -18.64
CA GLY D 33 -9.68 0.56 -19.09
C GLY D 33 -8.71 1.24 -18.14
N ALA D 34 -9.07 2.42 -17.64
CA ALA D 34 -8.27 3.12 -16.66
C ALA D 34 -8.21 2.33 -15.35
N LEU D 35 -9.35 1.80 -14.89
CA LEU D 35 -9.38 1.02 -13.68
C LEU D 35 -8.54 -0.26 -13.84
N GLU D 36 -8.66 -0.94 -14.98
CA GLU D 36 -7.87 -2.13 -15.27
C GLU D 36 -6.39 -1.84 -15.10
N GLY D 37 -5.91 -0.69 -15.62
CA GLY D 37 -4.48 -0.32 -15.45
C GLY D 37 -4.09 -0.18 -13.98
N GLN D 38 -4.91 0.53 -13.21
CA GLN D 38 -4.62 0.71 -11.78
C GLN D 38 -4.71 -0.63 -11.00
N LEU D 39 -5.64 -1.50 -11.34
CA LEU D 39 -5.78 -2.78 -10.65
C LEU D 39 -4.50 -3.61 -10.83
N LYS D 40 -3.99 -3.65 -12.06
CA LYS D 40 -2.79 -4.39 -12.31
C LYS D 40 -1.64 -3.84 -11.47
N LYS D 41 -1.51 -2.52 -11.50
CA LYS D 41 -0.46 -1.83 -10.79
C LYS D 41 -0.54 -2.12 -9.28
N LYS D 42 -1.75 -2.04 -8.74
CA LYS D 42 -1.99 -2.25 -7.31
C LYS D 42 -1.87 -3.71 -6.87
N THR D 43 -2.39 -4.67 -7.63
CA THR D 43 -2.51 -6.05 -7.17
C THR D 43 -1.68 -7.05 -7.98
N GLY D 44 -1.09 -6.64 -9.11
CA GLY D 44 -0.25 -7.56 -9.89
C GLY D 44 -1.05 -8.42 -10.87
N LYS D 45 -2.37 -8.36 -10.79
CA LYS D 45 -3.27 -9.16 -11.62
C LYS D 45 -4.02 -8.27 -12.60
N LEU D 46 -4.05 -8.67 -13.87
CA LEU D 46 -4.86 -8.01 -14.91
C LEU D 46 -6.15 -8.79 -15.07
N LEU D 47 -7.29 -8.09 -14.87
CA LEU D 47 -8.63 -8.68 -15.07
C LEU D 47 -9.47 -7.73 -15.94
N ASN D 48 -10.37 -8.28 -16.77
CA ASN D 48 -11.40 -7.51 -17.44
C ASN D 48 -12.46 -7.09 -16.42
N LEU D 49 -12.70 -5.79 -16.32
CA LEU D 49 -13.74 -5.25 -15.42
C LEU D 49 -15.01 -5.00 -16.22
N SER D 50 -16.11 -4.71 -15.52
CA SER D 50 -17.43 -4.77 -16.13
C SER D 50 -17.95 -3.42 -16.55
N PRO D 51 -17.92 -3.10 -17.86
CA PRO D 51 -18.60 -1.90 -18.36
C PRO D 51 -20.11 -1.95 -18.13
N GLN D 52 -20.72 -3.14 -18.18
CA GLN D 52 -22.16 -3.24 -18.01
C GLN D 52 -22.60 -2.81 -16.60
N ASN D 53 -21.81 -3.17 -15.59
CA ASN D 53 -21.96 -2.75 -14.23
C ASN D 53 -22.10 -1.22 -14.18
N LEU D 54 -21.23 -0.53 -14.90
CA LEU D 54 -21.25 0.94 -14.95
C LEU D 54 -22.50 1.45 -15.68
N VAL D 55 -22.77 0.88 -16.86
CA VAL D 55 -23.91 1.31 -17.65
C VAL D 55 -25.19 1.20 -16.81
N ASP D 56 -25.36 0.07 -16.11
CA ASP D 56 -26.59 -0.21 -15.40
C ASP D 56 -26.69 0.56 -14.07
N CYS D 57 -25.56 0.88 -13.43
CA CYS D 57 -25.55 1.27 -12.00
C CYS D 57 -25.11 2.73 -11.74
N VAL D 58 -24.43 3.39 -12.69
CA VAL D 58 -23.98 4.77 -12.48
C VAL D 58 -25.18 5.66 -12.75
N SER D 59 -25.94 5.95 -11.69
CA SER D 59 -27.24 6.61 -11.88
C SER D 59 -27.12 8.06 -12.36
N GLU D 60 -25.95 8.71 -12.14
CA GLU D 60 -25.75 10.09 -12.58
C GLU D 60 -25.44 10.17 -14.07
N ASN D 61 -25.01 9.06 -14.67
CA ASN D 61 -24.87 8.91 -16.11
C ASN D 61 -26.20 8.48 -16.76
N ASP D 62 -26.19 8.39 -18.10
CA ASP D 62 -27.41 8.06 -18.86
C ASP D 62 -27.30 6.73 -19.60
N GLY D 63 -26.57 5.78 -19.03
CA GLY D 63 -26.47 4.46 -19.59
C GLY D 63 -25.96 4.51 -21.03
N CYS D 64 -26.72 3.91 -21.95
CA CYS D 64 -26.44 3.87 -23.35
C CYS D 64 -26.66 5.25 -24.00
N GLY D 65 -27.25 6.19 -23.28
CA GLY D 65 -27.39 7.56 -23.74
C GLY D 65 -26.10 8.40 -23.56
N GLY D 66 -25.06 7.84 -22.94
CA GLY D 66 -23.83 8.56 -22.70
C GLY D 66 -23.59 8.86 -21.23
N GLY D 67 -22.37 9.29 -20.97
CA GLY D 67 -21.91 9.44 -19.60
C GLY D 67 -20.54 10.09 -19.50
N TYR D 68 -20.12 10.30 -18.26
CA TYR D 68 -18.84 10.84 -17.92
C TYR D 68 -18.03 9.78 -17.15
N MET D 69 -16.73 9.73 -17.45
CA MET D 69 -15.84 8.82 -16.75
C MET D 69 -15.74 9.22 -15.27
N THR D 70 -15.74 10.50 -14.97
CA THR D 70 -15.63 10.94 -13.58
C THR D 70 -16.79 10.34 -12.75
N ASN D 71 -17.99 10.29 -13.32
CA ASN D 71 -19.13 9.75 -12.60
C ASN D 71 -18.92 8.27 -12.32
N ALA D 72 -18.30 7.58 -13.27
CA ALA D 72 -18.01 6.18 -13.15
C ALA D 72 -17.01 5.89 -12.04
N PHE D 73 -15.93 6.66 -11.99
CA PHE D 73 -14.93 6.48 -10.93
C PHE D 73 -15.59 6.72 -9.57
N GLN D 74 -16.39 7.78 -9.48
CA GLN D 74 -17.03 8.11 -8.20
C GLN D 74 -17.97 6.99 -7.77
N TYR D 75 -18.72 6.42 -8.72
CA TYR D 75 -19.60 5.28 -8.38
C TYR D 75 -18.78 4.13 -7.79
N VAL D 76 -17.68 3.76 -8.46
CA VAL D 76 -16.92 2.60 -8.01
C VAL D 76 -16.44 2.84 -6.58
N GLN D 77 -16.00 4.08 -6.31
CA GLN D 77 -15.52 4.47 -5.01
C GLN D 77 -16.65 4.32 -3.99
N LYS D 78 -17.79 4.94 -4.25
CA LYS D 78 -18.86 4.96 -3.25
C LYS D 78 -19.47 3.57 -3.10
N ASN D 79 -19.53 2.81 -4.18
CA ASN D 79 -20.10 1.45 -4.18
C ASN D 79 -19.18 0.45 -3.44
N ARG D 80 -17.94 0.84 -3.21
CA ARG D 80 -16.88 -0.01 -2.64
C ARG D 80 -16.53 -1.16 -3.59
N GLY D 81 -16.82 -1.01 -4.89
CA GLY D 81 -16.39 -2.01 -5.85
C GLY D 81 -16.99 -1.89 -7.23
N ILE D 82 -16.33 -2.59 -8.16
CA ILE D 82 -16.81 -2.87 -9.49
C ILE D 82 -16.63 -4.36 -9.77
N ASP D 83 -17.61 -4.96 -10.47
CA ASP D 83 -17.54 -6.38 -10.77
C ASP D 83 -16.57 -6.63 -11.91
N SER D 84 -16.12 -7.88 -11.99
CA SER D 84 -15.40 -8.33 -13.14
C SER D 84 -16.38 -8.45 -14.32
N GLU D 85 -15.84 -8.47 -15.54
CA GLU D 85 -16.64 -8.74 -16.74
C GLU D 85 -17.29 -10.12 -16.60
N ASP D 86 -16.53 -11.11 -16.09
CA ASP D 86 -17.03 -12.47 -15.98
C ASP D 86 -18.25 -12.54 -15.06
N ALA D 87 -18.25 -11.78 -13.98
CA ALA D 87 -19.37 -11.77 -13.04
C ALA D 87 -20.58 -10.95 -13.54
N TYR D 88 -20.36 -9.97 -14.43
CA TYR D 88 -21.41 -9.02 -14.86
C TYR D 88 -21.15 -8.70 -16.33
N PRO D 89 -21.54 -9.61 -17.25
CA PRO D 89 -21.10 -9.53 -18.63
C PRO D 89 -21.79 -8.44 -19.46
N TYR D 90 -21.13 -8.04 -20.54
CA TYR D 90 -21.60 -6.94 -21.37
C TYR D 90 -22.73 -7.42 -22.27
N VAL D 91 -23.83 -6.68 -22.27
CA VAL D 91 -24.98 -7.03 -23.13
C VAL D 91 -25.27 -5.96 -24.18
N GLY D 92 -24.83 -4.73 -24.00
CA GLY D 92 -24.94 -3.72 -25.05
C GLY D 92 -26.27 -2.97 -25.00
N GLN D 93 -26.97 -3.08 -23.88
CA GLN D 93 -28.24 -2.37 -23.66
C GLN D 93 -28.35 -2.12 -22.16
N GLU D 94 -29.02 -1.05 -21.77
N GLU D 94 -29.06 -1.07 -21.77
CA GLU D 94 -29.15 -0.73 -20.33
CA GLU D 94 -29.20 -0.74 -20.37
C GLU D 94 -30.18 -1.65 -19.69
C GLU D 94 -30.17 -1.72 -19.73
N GLU D 95 -29.82 -2.20 -18.54
CA GLU D 95 -30.71 -3.04 -17.74
C GLU D 95 -30.67 -2.50 -16.31
N SER D 96 -31.51 -3.09 -15.45
CA SER D 96 -31.47 -2.83 -14.03
C SER D 96 -30.13 -3.20 -13.40
N CYS D 97 -29.71 -2.41 -12.42
CA CYS D 97 -28.48 -2.64 -11.73
C CYS D 97 -28.52 -3.98 -11.02
N MET D 98 -27.58 -4.88 -11.34
CA MET D 98 -27.51 -6.18 -10.70
C MET D 98 -26.07 -6.41 -10.19
N TYR D 99 -25.49 -5.38 -9.56
CA TYR D 99 -24.22 -5.47 -8.95
C TYR D 99 -24.20 -6.57 -7.90
N ASN D 100 -23.15 -7.40 -7.95
CA ASN D 100 -22.99 -8.46 -7.02
C ASN D 100 -21.63 -8.36 -6.35
N PRO D 101 -21.58 -8.04 -5.04
CA PRO D 101 -20.31 -7.94 -4.32
C PRO D 101 -19.43 -9.19 -4.42
N THR D 102 -20.04 -10.36 -4.60
CA THR D 102 -19.29 -11.60 -4.70
C THR D 102 -18.39 -11.58 -5.95
N GLY D 103 -18.81 -10.84 -6.99
CA GLY D 103 -18.02 -10.68 -8.21
C GLY D 103 -17.05 -9.49 -8.20
N LYS D 104 -16.94 -8.80 -7.08
CA LYS D 104 -16.07 -7.61 -6.96
C LYS D 104 -14.64 -7.96 -7.42
N ALA D 105 -14.11 -7.16 -8.33
CA ALA D 105 -12.74 -7.36 -8.84
C ALA D 105 -11.84 -6.13 -8.67
N ALA D 106 -12.39 -4.98 -8.28
CA ALA D 106 -11.56 -3.78 -8.07
C ALA D 106 -12.30 -2.77 -7.22
N LYS D 107 -11.55 -1.82 -6.68
CA LYS D 107 -12.06 -0.72 -5.88
C LYS D 107 -11.43 0.58 -6.34
N CYS D 108 -11.91 1.69 -5.80
CA CYS D 108 -11.46 3.00 -6.23
C CYS D 108 -11.44 3.95 -5.05
N ARG D 109 -10.45 4.85 -4.98
CA ARG D 109 -10.41 5.82 -3.87
C ARG D 109 -10.61 7.26 -4.35
N GLY D 110 -11.14 7.42 -5.54
CA GLY D 110 -11.36 8.73 -6.13
C GLY D 110 -10.72 8.84 -7.50
N TYR D 111 -10.58 10.08 -7.95
CA TYR D 111 -10.06 10.31 -9.26
C TYR D 111 -9.43 11.70 -9.30
N ARG D 112 -8.66 11.91 -10.36
CA ARG D 112 -8.01 13.16 -10.60
C ARG D 112 -8.23 13.52 -12.07
N GLU D 113 -8.28 14.83 -12.31
CA GLU D 113 -8.55 15.43 -13.59
C GLU D 113 -7.29 16.17 -14.03
N ILE D 114 -6.95 16.02 -15.32
CA ILE D 114 -5.81 16.67 -15.90
C ILE D 114 -6.21 18.10 -16.22
N PRO D 115 -5.40 19.13 -15.89
CA PRO D 115 -5.68 20.49 -16.34
C PRO D 115 -5.99 20.59 -17.84
N GLU D 116 -7.09 21.29 -18.13
CA GLU D 116 -7.69 21.32 -19.45
C GLU D 116 -6.67 21.79 -20.51
N GLY D 117 -6.47 20.94 -21.50
CA GLY D 117 -5.70 21.25 -22.66
C GLY D 117 -4.21 21.07 -22.47
N ASN D 118 -3.77 20.59 -21.30
CA ASN D 118 -2.36 20.50 -21.07
C ASN D 118 -1.84 19.09 -21.42
N GLU D 119 -1.22 18.99 -22.59
CA GLU D 119 -0.72 17.71 -23.08
C GLU D 119 0.55 17.28 -22.34
N LYS D 120 1.29 18.25 -21.79
CA LYS D 120 2.48 17.90 -21.04
C LYS D 120 2.08 17.25 -19.70
N ALA D 121 1.05 17.81 -19.05
CA ALA D 121 0.51 17.26 -17.84
C ALA D 121 -0.07 15.86 -18.09
N LEU D 122 -0.76 15.72 -19.22
CA LEU D 122 -1.30 14.44 -19.58
C LEU D 122 -0.18 13.42 -19.80
N LYS D 123 0.91 13.83 -20.46
CA LYS D 123 2.06 12.94 -20.68
C LYS D 123 2.63 12.46 -19.33
N ARG D 124 2.84 13.41 -18.42
CA ARG D 124 3.40 13.09 -17.10
C ARG D 124 2.46 12.18 -16.33
N ALA D 125 1.14 12.39 -16.45
CA ALA D 125 0.16 11.51 -15.76
C ALA D 125 0.25 10.10 -16.35
N VAL D 126 0.27 9.99 -17.68
CA VAL D 126 0.37 8.67 -18.30
C VAL D 126 1.65 7.97 -17.78
N ALA D 127 2.77 8.69 -17.72
CA ALA D 127 4.05 8.13 -17.27
C ALA D 127 4.03 7.73 -15.81
N ARG D 128 3.44 8.56 -14.95
CA ARG D 128 3.53 8.38 -13.52
C ARG D 128 2.48 7.40 -13.00
N VAL D 129 1.30 7.38 -13.66
CA VAL D 129 0.14 6.70 -13.11
C VAL D 129 -0.21 5.43 -13.87
N GLY D 130 -0.28 5.52 -15.19
CA GLY D 130 -0.78 4.42 -16.01
C GLY D 130 -1.74 4.96 -17.04
N PRO D 131 -2.52 4.07 -17.71
CA PRO D 131 -3.48 4.52 -18.70
C PRO D 131 -4.48 5.56 -18.15
N VAL D 132 -4.78 6.56 -18.96
CA VAL D 132 -5.65 7.65 -18.59
C VAL D 132 -6.85 7.70 -19.51
N SER D 133 -8.02 7.94 -18.91
CA SER D 133 -9.24 8.09 -19.67
C SER D 133 -9.23 9.46 -20.34
N VAL D 134 -9.59 9.52 -21.61
CA VAL D 134 -9.62 10.81 -22.33
C VAL D 134 -10.86 10.89 -23.20
N ALA D 135 -11.28 12.13 -23.51
CA ALA D 135 -12.35 12.39 -24.43
C ALA D 135 -11.81 13.07 -25.69
N ILE D 136 -12.42 12.77 -26.83
CA ILE D 136 -11.98 13.33 -28.11
C ILE D 136 -13.18 13.60 -29.03
N ASP D 137 -12.90 14.34 -30.09
CA ASP D 137 -13.73 14.42 -31.28
C ASP D 137 -13.34 13.28 -32.22
N ALA D 138 -14.20 12.27 -32.29
CA ALA D 138 -14.01 11.11 -33.16
C ALA D 138 -15.05 11.11 -34.29
N SER D 139 -15.61 12.28 -34.63
CA SER D 139 -16.73 12.37 -35.58
C SER D 139 -16.30 12.33 -37.06
N LEU D 140 -15.01 12.58 -37.36
CA LEU D 140 -14.59 12.74 -38.77
C LEU D 140 -14.49 11.37 -39.44
N THR D 141 -14.78 11.32 -40.74
CA THR D 141 -14.61 10.09 -41.51
CA THR D 141 -14.61 10.09 -41.51
C THR D 141 -13.14 9.65 -41.50
N SER D 142 -12.21 10.61 -41.49
CA SER D 142 -10.79 10.32 -41.43
C SER D 142 -10.45 9.47 -40.18
N PHE D 143 -11.14 9.74 -39.07
CA PHE D 143 -10.95 8.98 -37.85
C PHE D 143 -11.48 7.56 -38.05
N GLN D 144 -12.69 7.46 -38.57
CA GLN D 144 -13.33 6.17 -38.85
C GLN D 144 -12.45 5.28 -39.75
N PHE D 145 -11.75 5.89 -40.71
CA PHE D 145 -11.00 5.16 -41.70
C PHE D 145 -9.54 4.97 -41.31
N TYR D 146 -9.17 5.36 -40.09
CA TYR D 146 -7.78 5.27 -39.68
C TYR D 146 -7.27 3.84 -39.87
N SER D 147 -6.05 3.71 -40.37
CA SER D 147 -5.43 2.39 -40.42
C SER D 147 -4.00 2.38 -39.87
N LYS D 148 -3.22 3.44 -40.05
CA LYS D 148 -1.84 3.50 -39.56
C LYS D 148 -1.29 4.93 -39.63
N GLY D 149 -0.10 5.13 -39.05
CA GLY D 149 0.50 6.44 -38.95
C GLY D 149 -0.07 7.20 -37.78
N VAL D 150 0.26 8.50 -37.73
CA VAL D 150 -0.13 9.33 -36.63
C VAL D 150 -1.28 10.20 -37.13
N TYR D 151 -2.45 9.99 -36.53
CA TYR D 151 -3.64 10.63 -36.98
C TYR D 151 -3.64 12.11 -36.59
N TYR D 152 -3.87 12.95 -37.60
CA TYR D 152 -4.07 14.37 -37.45
C TYR D 152 -5.02 14.81 -38.56
N ASP D 153 -6.07 15.53 -38.17
CA ASP D 153 -6.99 16.14 -39.13
C ASP D 153 -7.31 17.55 -38.65
N GLU D 154 -7.06 18.52 -39.54
CA GLU D 154 -7.22 19.95 -39.30
C GLU D 154 -8.69 20.29 -38.96
N SER D 155 -9.62 19.46 -39.42
CA SER D 155 -11.05 19.67 -39.20
C SER D 155 -11.51 19.16 -37.84
N CYS D 156 -10.63 18.51 -37.06
CA CYS D 156 -11.00 18.02 -35.76
C CYS D 156 -11.38 19.21 -34.88
N ASN D 157 -12.38 19.04 -34.03
CA ASN D 157 -12.92 20.17 -33.27
C ASN D 157 -12.80 19.83 -31.78
N SER D 158 -11.86 20.48 -31.09
CA SER D 158 -11.57 20.19 -29.69
C SER D 158 -12.69 20.65 -28.75
N ASP D 159 -13.63 21.47 -29.25
CA ASP D 159 -14.79 21.90 -28.47
C ASP D 159 -16.00 21.01 -28.75
N ASN D 160 -15.83 19.91 -29.47
CA ASN D 160 -16.90 19.01 -29.83
C ASN D 160 -16.45 17.61 -29.42
N LEU D 161 -16.37 17.39 -28.10
CA LEU D 161 -15.96 16.12 -27.56
C LEU D 161 -17.16 15.17 -27.65
N ASN D 162 -16.92 13.98 -28.24
CA ASN D 162 -18.05 13.08 -28.54
C ASN D 162 -17.66 11.61 -28.47
N HIS D 163 -16.55 11.29 -27.82
CA HIS D 163 -16.14 9.90 -27.68
C HIS D 163 -15.18 9.83 -26.49
N ALA D 164 -15.19 8.70 -25.80
CA ALA D 164 -14.34 8.47 -24.66
C ALA D 164 -13.46 7.27 -25.01
N VAL D 165 -12.16 7.41 -24.84
CA VAL D 165 -11.20 6.34 -25.18
C VAL D 165 -10.13 6.30 -24.08
N LEU D 166 -9.06 5.56 -24.32
CA LEU D 166 -8.05 5.34 -23.30
C LEU D 166 -6.64 5.58 -23.86
N ALA D 167 -5.88 6.50 -23.23
CA ALA D 167 -4.50 6.69 -23.58
C ALA D 167 -3.63 5.69 -22.81
N VAL D 168 -3.04 4.73 -23.54
CA VAL D 168 -2.30 3.68 -22.92
C VAL D 168 -0.80 3.90 -23.07
N GLY D 169 -0.41 5.05 -23.59
CA GLY D 169 0.99 5.33 -23.80
C GLY D 169 1.17 6.54 -24.70
N TYR D 170 2.42 6.79 -25.05
CA TYR D 170 2.80 7.88 -25.90
C TYR D 170 4.20 7.61 -26.45
N GLY D 171 4.56 8.34 -27.52
CA GLY D 171 5.85 8.14 -28.13
C GLY D 171 6.04 9.00 -29.34
N ILE D 172 6.88 8.50 -30.24
CA ILE D 172 7.23 9.20 -31.43
C ILE D 172 7.41 8.14 -32.51
N GLN D 173 6.88 8.47 -33.68
CA GLN D 173 7.06 7.65 -34.85
C GLN D 173 7.53 8.55 -35.99
N LYS D 174 8.74 8.26 -36.46
CA LYS D 174 9.40 9.03 -37.55
C LYS D 174 9.29 10.54 -37.31
N GLY D 175 9.64 10.98 -36.12
CA GLY D 175 9.62 12.40 -35.79
C GLY D 175 8.25 12.97 -35.43
N ASN D 176 7.19 12.15 -35.47
CA ASN D 176 5.88 12.63 -35.15
C ASN D 176 5.44 12.08 -33.81
N LYS D 177 5.26 12.99 -32.86
CA LYS D 177 4.92 12.62 -31.53
C LYS D 177 3.46 12.17 -31.50
N HIS D 178 3.17 11.20 -30.64
CA HIS D 178 1.83 10.62 -30.63
C HIS D 178 1.39 10.14 -29.25
N TRP D 179 0.08 9.94 -29.15
CA TRP D 179 -0.61 9.24 -28.08
C TRP D 179 -0.98 7.87 -28.60
N ILE D 180 -0.82 6.83 -27.78
CA ILE D 180 -1.27 5.49 -28.11
C ILE D 180 -2.67 5.33 -27.53
N ILE D 181 -3.68 5.28 -28.41
CA ILE D 181 -5.09 5.27 -27.99
C ILE D 181 -5.75 3.93 -28.27
N LYS D 182 -6.31 3.34 -27.22
CA LYS D 182 -7.15 2.16 -27.31
C LYS D 182 -8.60 2.58 -27.51
N ASN D 183 -9.20 2.16 -28.63
CA ASN D 183 -10.62 2.40 -28.91
C ASN D 183 -11.45 1.20 -28.41
N SER D 184 -12.78 1.33 -28.43
CA SER D 184 -13.73 0.25 -28.04
C SER D 184 -14.70 -0.09 -29.20
N TRP D 185 -14.14 -0.13 -30.43
CA TRP D 185 -14.92 -0.49 -31.61
C TRP D 185 -14.44 -1.83 -32.20
N GLY D 186 -13.86 -2.68 -31.36
CA GLY D 186 -13.42 -3.99 -31.77
C GLY D 186 -12.03 -3.97 -32.43
N GLU D 187 -11.50 -5.17 -32.60
CA GLU D 187 -10.13 -5.39 -33.12
C GLU D 187 -10.04 -5.11 -34.60
N ASN D 188 -11.17 -5.11 -35.28
CA ASN D 188 -11.16 -4.92 -36.73
C ASN D 188 -11.03 -3.44 -37.11
N TRP D 189 -11.30 -2.52 -36.18
CA TRP D 189 -11.18 -1.11 -36.45
C TRP D 189 -9.74 -0.63 -36.24
N GLY D 190 -9.33 0.36 -37.02
CA GLY D 190 -8.05 1.01 -36.82
C GLY D 190 -6.89 0.05 -37.04
N ASN D 191 -5.90 0.15 -36.16
CA ASN D 191 -4.75 -0.77 -36.19
C ASN D 191 -4.92 -1.72 -35.01
N LYS D 192 -5.59 -2.84 -35.30
CA LYS D 192 -5.98 -3.83 -34.32
C LYS D 192 -6.70 -3.21 -33.12
N GLY D 193 -7.55 -2.21 -33.35
CA GLY D 193 -8.33 -1.60 -32.23
C GLY D 193 -7.74 -0.32 -31.69
N TYR D 194 -6.52 0.00 -32.14
CA TYR D 194 -5.79 1.19 -31.65
C TYR D 194 -5.61 2.27 -32.73
N ILE D 195 -5.38 3.48 -32.24
CA ILE D 195 -5.00 4.58 -33.11
C ILE D 195 -3.87 5.36 -32.43
N LEU D 196 -2.87 5.76 -33.20
CA LEU D 196 -1.89 6.76 -32.78
C LEU D 196 -2.43 8.13 -33.15
N MET D 197 -2.61 8.99 -32.16
CA MET D 197 -3.14 10.32 -32.35
C MET D 197 -2.04 11.37 -32.10
N ALA D 198 -2.01 12.41 -32.94
CA ALA D 198 -0.96 13.43 -32.86
C ALA D 198 -0.89 14.05 -31.46
N ARG D 199 0.35 14.19 -30.98
CA ARG D 199 0.62 14.72 -29.65
C ARG D 199 1.41 16.01 -29.80
N ASN D 200 1.10 16.98 -28.94
CA ASN D 200 1.71 18.30 -28.93
C ASN D 200 1.50 19.03 -30.26
N LYS D 201 0.36 18.79 -30.91
CA LYS D 201 -0.05 19.51 -32.08
C LYS D 201 -1.31 20.31 -31.74
N ASN D 202 -1.16 21.17 -30.75
CA ASN D 202 -2.18 22.09 -30.30
C ASN D 202 -3.42 21.31 -29.83
N ASN D 203 -3.24 20.27 -29.02
CA ASN D 203 -4.37 19.57 -28.40
C ASN D 203 -5.33 19.08 -29.49
N ALA D 204 -4.77 18.39 -30.49
CA ALA D 204 -5.51 17.84 -31.61
C ALA D 204 -6.65 16.96 -31.08
N CYS D 205 -7.84 17.18 -31.62
CA CYS D 205 -9.08 16.46 -31.30
C CYS D 205 -9.50 16.64 -29.84
N GLY D 206 -8.93 17.60 -29.11
CA GLY D 206 -9.31 17.88 -27.73
C GLY D 206 -8.84 16.82 -26.74
N ILE D 207 -7.81 16.06 -27.11
CA ILE D 207 -7.28 14.90 -26.37
C ILE D 207 -7.04 15.20 -24.90
N ALA D 208 -6.60 16.42 -24.57
CA ALA D 208 -6.29 16.74 -23.19
C ALA D 208 -7.36 17.64 -22.56
N ASN D 209 -8.56 17.70 -23.14
CA ASN D 209 -9.59 18.60 -22.64
C ASN D 209 -10.42 18.00 -21.50
N LEU D 210 -10.54 16.68 -21.44
CA LEU D 210 -11.36 16.08 -20.40
C LEU D 210 -10.78 14.72 -20.00
N ALA D 211 -9.57 14.78 -19.47
CA ALA D 211 -8.82 13.59 -19.13
C ALA D 211 -8.86 13.37 -17.62
N SER D 212 -9.00 12.10 -17.23
CA SER D 212 -9.06 11.74 -15.86
C SER D 212 -8.59 10.31 -15.65
N PHE D 213 -8.21 10.02 -14.42
CA PHE D 213 -7.81 8.69 -14.00
C PHE D 213 -8.25 8.43 -12.56
N PRO D 214 -8.52 7.15 -12.25
CA PRO D 214 -8.89 6.71 -10.91
C PRO D 214 -7.67 6.52 -9.99
N LYS D 215 -7.88 6.72 -8.70
CA LYS D 215 -6.94 6.38 -7.62
C LYS D 215 -7.33 5.03 -7.07
N MET D 216 -6.38 4.24 -6.58
CA MET D 216 -6.70 2.92 -6.01
C MET D 216 -5.97 2.70 -4.67
C1 J5T E . -8.07 15.48 23.80
C2 J5T E . -8.80 14.70 24.66
C3 J5T E . -7.60 16.68 24.24
O4 J5T E . -3.66 9.21 20.58
C7 J5T E . -7.79 14.95 22.42
C8 J5T E . -6.22 14.55 20.69
C9 J5T E . -5.70 13.22 21.20
C10 J5T E . -5.58 10.75 20.99
C11 J5T E . -7.42 11.90 19.98
C12 J5T E . -7.97 10.66 20.69
C13 J5T E . -6.72 9.79 20.71
C14 J5T E . -4.44 10.31 20.04
C15 J5T E . -5.20 9.82 18.84
C16 J5T E . -8.90 16.69 27.77
C19 J5T E . -10.55 16.72 32.11
C20 J5T E . -11.59 15.12 30.44
C21 J5T E . -12.89 15.29 31.14
C22 J5T E . -11.95 16.88 32.61
C24 J5T E . -5.34 16.57 19.45
C27 J5T E . -14.09 15.95 33.14
F2 J5T E . -6.94 18.36 28.02
C17 J5T E . -8.03 17.63 28.54
S1 J5T E . -8.52 17.79 30.17
C18 J5T E . -9.79 16.65 29.80
N4 J5T E . -10.68 16.22 30.75
N5 J5T E . -12.73 15.65 32.56
N3 J5T E . -9.82 16.12 28.57
C5 J5T E . -8.64 16.32 26.38
C4 J5T E . -9.09 15.10 25.94
C6 J5T E . -7.86 17.11 25.52
O2 J5T E . -8.49 14.02 21.99
N1 J5T E . -6.70 15.33 21.76
C23 J5T E . -5.03 15.21 20.02
C26 J5T E . -6.22 16.39 18.24
C25 J5T E . -4.05 17.35 19.19
O3 J5T E . -4.87 13.22 22.09
N2 J5T E . -6.16 12.08 20.68
CL J5T E . -9.19 10.07 19.58
O1 J5T E . -6.44 9.29 19.39
CL CL F . 1.59 3.89 39.51
CL CL G . 5.57 25.90 -1.62
CL CL H . 8.08 30.07 1.03
NA NA I . -2.45 24.67 29.71
C1 J5T J . 19.97 -20.85 -21.29
C2 J5T J . 19.28 -21.35 -22.40
C3 J5T J . 21.34 -20.54 -21.41
O4 J5T J . 14.08 -15.39 -18.99
C7 J5T J . 19.20 -20.55 -20.04
C8 J5T J . 18.69 -18.93 -18.34
C9 J5T J . 17.63 -18.08 -19.06
C10 J5T J . 15.22 -17.57 -19.31
C11 J5T J . 15.83 -19.68 -18.36
C12 J5T J . 14.63 -19.89 -19.23
C13 J5T J . 14.02 -18.52 -19.29
C14 J5T J . 14.82 -16.44 -18.35
C15 J5T J . 13.83 -17.06 -17.38
C16 J5T J . 21.95 -21.44 -25.04
C19 J5T J . 22.49 -22.57 -29.52
C20 J5T J . 20.59 -23.69 -28.18
C21 J5T J . 20.53 -24.71 -29.29
C22 J5T J . 22.29 -23.65 -30.57
C24 J5T J . 20.50 -18.67 -16.58
C27 J5T J . 21.06 -25.44 -31.52
F2 J5T J . 23.81 -19.82 -24.69
C17 J5T J . 23.11 -20.70 -25.50
S1 J5T J . 23.53 -21.02 -27.13
C18 J5T J . 22.18 -22.14 -27.18
N4 J5T J . 21.80 -22.85 -28.28
N5 J5T J . 20.96 -24.25 -30.61
N3 J5T J . 21.45 -22.19 -26.06
C5 J5T J . 21.33 -21.27 -23.71
C4 J5T J . 19.95 -21.53 -23.62
C6 J5T J . 22.02 -20.75 -22.61
O2 J5T J . 18.11 -21.10 -19.85
N1 J5T J . 19.61 -19.56 -19.28
C23 J5T J . 19.35 -18.00 -17.36
C26 J5T J . 19.94 -19.70 -15.62
C25 J5T J . 21.35 -17.58 -15.93
O3 J5T J . 18.01 -17.17 -19.76
N2 J5T J . 16.34 -18.41 -18.89
CL J5T J . 13.58 -21.09 -18.47
O1 J5T J . 13.25 -18.18 -18.09
CL CL K . 26.41 -11.39 7.16
C1 J5T L . -17.15 0.86 26.44
C2 J5T L . -17.14 2.23 26.34
C3 J5T L . -18.35 0.22 26.73
O4 J5T L . -12.17 -0.60 19.96
C7 J5T L . -15.83 0.14 26.21
C8 J5T L . -14.75 -1.74 25.10
C9 J5T L . -14.48 -1.10 23.78
C10 J5T L . -12.92 0.02 22.22
C11 J5T L . -12.33 -0.11 24.54
C12 J5T L . -11.94 1.26 24.01
C13 J5T L . -11.78 1.00 22.53
C14 J5T L . -12.26 -1.02 21.34
C15 J5T L . -10.84 -1.09 21.86
C16 J5T L . -20.69 3.23 26.89
C19 J5T L . -23.46 7.01 27.06
C20 J5T L . -21.01 7.33 27.53
C21 J5T L . -21.39 8.48 28.38
C22 J5T L . -23.65 8.10 28.06
C24 J5T L . -15.44 -3.99 26.08
C27 J5T L . -22.95 10.28 28.82
F2 J5T L . -22.32 1.38 26.41
C17 J5T L . -22.05 2.72 26.67
S1 J5T L . -23.24 3.95 26.79
C18 J5T L . -21.95 5.09 27.09
N4 J5T L . -22.15 6.44 27.30
N5 J5T L . -22.61 9.11 27.91
N3 J5T L . -20.69 4.57 27.06
C5 J5T L . -19.49 2.37 26.76
C4 J5T L . -18.30 2.99 26.48
C6 J5T L . -19.53 0.98 26.86
O2 J5T L . -14.76 0.77 26.37
N1 J5T L . -15.90 -1.08 25.70
C23 J5T L . -15.05 -3.20 24.85
C26 J5T L . -14.26 -4.15 27.01
C25 J5T L . -16.01 -5.34 25.68
O3 J5T L . -15.40 -1.09 22.95
N2 J5T L . -13.31 -0.50 23.54
CL J5T L . -10.38 1.60 24.69
O1 J5T L . -10.53 0.27 22.26
CL CL M . -26.88 -22.13 22.24
CL CL N . -13.39 -30.39 28.60
NA NA O . -28.72 -3.45 26.61
C1 J5T P . -22.98 12.39 -22.21
C2 J5T P . -24.31 12.12 -22.49
C3 J5T P . -22.61 12.77 -20.90
O4 J5T P . -20.34 5.85 -26.56
C7 J5T P . -22.00 12.17 -23.30
C8 J5T P . -19.93 11.12 -23.99
C9 J5T P . -20.44 9.73 -24.36
C10 J5T P . -21.09 8.12 -26.14
C11 J5T P . -21.06 10.47 -26.64
C12 J5T P . -22.19 9.83 -27.38
C13 J5T P . -21.78 8.38 -27.47
C14 J5T P . -19.91 7.25 -26.55
C15 J5T P . -19.59 7.64 -27.99
C16 J5T P . -26.01 12.64 -19.21
C19 J5T P . -30.24 12.21 -17.27
C20 J5T P . -30.06 12.87 -19.70
C21 J5T P . -31.43 13.49 -19.54
C22 J5T P . -31.69 12.63 -17.31
C24 J5T P . -17.89 12.24 -23.12
C27 J5T P . -33.59 13.51 -18.48
F2 J5T P . -24.50 12.18 -17.32
C17 J5T P . -25.77 12.32 -17.82
S1 J5T P . -27.18 12.23 -16.86
C18 J5T P . -28.08 12.58 -18.31
N4 J5T P . -29.45 12.62 -18.42
N5 J5T P . -32.31 12.74 -18.64
N3 J5T P . -27.32 12.73 -19.42
C5 J5T P . -24.92 12.64 -20.22
C4 J5T P . -25.29 12.23 -21.50
C6 J5T P . -23.57 12.88 -19.90
O2 J5T P . -22.35 12.26 -24.47
N1 J5T P . -20.79 11.72 -22.97
C23 J5T P . -18.52 10.90 -23.52
C26 J5T P . -17.51 13.05 -24.34
C25 J5T P . -16.69 12.01 -22.20
O3 J5T P . -20.55 8.91 -23.49
N2 J5T P . -20.77 9.47 -25.62
CL J5T P . -22.24 10.59 -28.99
O1 J5T P . -20.81 8.13 -28.54
CL CL Q . 7.15 15.75 -25.33
#